data_6ED6
#
_entry.id   6ED6
#
_cell.length_a   53.446
_cell.length_b   136.672
_cell.length_c   148.691
_cell.angle_alpha   90.000
_cell.angle_beta   90.000
_cell.angle_gamma   90.000
#
_symmetry.space_group_name_H-M   'P 21 21 21'
#
loop_
_entity.id
_entity.type
_entity.pdbx_description
1 polymer 'Rho-associated protein kinase 2'
2 non-polymer N-[(2,3-dihydro-1,4-benzodioxin-5-yl)methyl]-4-(pyridin-4-yl)benzamide
3 water water
#
_entity_poly.entity_id   1
_entity_poly.type   'polypeptide(L)'
_entity_poly.pdbx_seq_one_letter_code
;MSYYHHHHHHDYDIPTTENLYFQGQRKLEALIRDPRSPINVESLLDGLNSLVLDLDFPALRKNKNIDNFLNRYEKIVKKI
RGLQMKAEDYDVVKVIGRGAFGEVQLVRHKASQKVYAMKLLSKFEMIKRSDSAFFWEERDIMAFANSPWVVQLFYAFQDD
RYLYMVMEYMPGGDLVNLMSNYDVPEKWAKFYTAEVVLALDAIHSMGLIHRDVKPDNMLLDKHGHLKLADFGTCMKMDET
GMVHCDTAVGTPDYISPEVLKSQGGDGFYGRECDWWSVGVFLYEMLVGDTPFYADSLVGTYSKIMDHKNSLCFPEDAEIS
KHAKNLICAFLTDREVRLGRNGVEEIRQHPFFKNDQWHWDNIRETAAPVVPELSSDIDSSNFDDIEDDKGDVETFPIPKA
FVGNQLPFIGFTYYR
;
_entity_poly.pdbx_strand_id   A,B
#
# COMPACT_ATOMS: atom_id res chain seq x y z
N GLN A 25 51.67 -4.94 -6.64
CA GLN A 25 51.70 -4.99 -8.12
C GLN A 25 51.16 -6.31 -8.61
N ARG A 26 51.42 -7.37 -7.82
CA ARG A 26 50.98 -8.75 -8.02
C ARG A 26 49.44 -8.78 -8.14
N LYS A 27 48.73 -8.42 -7.05
CA LYS A 27 47.28 -8.31 -6.98
C LYS A 27 46.72 -7.17 -7.86
N LEU A 28 47.55 -6.13 -8.18
CA LEU A 28 47.15 -4.98 -9.01
C LEU A 28 46.64 -5.39 -10.38
N GLU A 29 47.51 -5.90 -11.28
CA GLU A 29 47.14 -6.33 -12.63
C GLU A 29 46.23 -7.54 -12.61
N ALA A 30 46.15 -8.25 -11.47
CA ALA A 30 45.24 -9.37 -11.28
C ALA A 30 43.82 -8.80 -11.12
N LEU A 31 43.68 -7.73 -10.30
CA LEU A 31 42.43 -7.00 -10.04
C LEU A 31 41.92 -6.25 -11.29
N ILE A 32 42.81 -5.87 -12.23
CA ILE A 32 42.35 -5.21 -13.47
C ILE A 32 41.64 -6.26 -14.36
N ARG A 33 42.04 -7.55 -14.24
CA ARG A 33 41.47 -8.69 -14.98
C ARG A 33 40.20 -9.24 -14.27
N ASP A 34 40.28 -9.41 -12.94
CA ASP A 34 39.27 -9.93 -12.00
C ASP A 34 37.82 -9.35 -12.18
N PRO A 35 36.83 -10.21 -12.52
CA PRO A 35 35.44 -9.71 -12.70
C PRO A 35 34.72 -9.27 -11.42
N ARG A 36 35.20 -9.75 -10.25
CA ARG A 36 34.67 -9.42 -8.92
C ARG A 36 35.32 -8.14 -8.32
N SER A 37 36.40 -7.64 -9.01
CA SER A 37 37.21 -6.49 -8.62
C SER A 37 36.57 -5.09 -8.79
N PRO A 38 36.79 -4.18 -7.81
CA PRO A 38 36.27 -2.80 -7.96
C PRO A 38 37.12 -1.94 -8.92
N ILE A 39 38.36 -2.35 -9.21
CA ILE A 39 39.29 -1.62 -10.08
C ILE A 39 39.57 -2.36 -11.41
N ASN A 40 38.57 -3.09 -11.95
CA ASN A 40 38.74 -3.70 -13.26
C ASN A 40 38.41 -2.61 -14.32
N VAL A 41 38.64 -2.91 -15.60
CA VAL A 41 38.42 -1.98 -16.70
C VAL A 41 36.99 -1.41 -16.73
N GLU A 42 35.96 -2.24 -16.51
CA GLU A 42 34.56 -1.76 -16.55
C GLU A 42 34.28 -0.70 -15.52
N SER A 43 34.82 -0.87 -14.32
CA SER A 43 34.69 0.05 -13.18
C SER A 43 35.50 1.32 -13.43
N LEU A 44 36.74 1.17 -13.97
CA LEU A 44 37.60 2.30 -14.35
C LEU A 44 36.93 3.14 -15.45
N LEU A 45 36.24 2.49 -16.40
CA LEU A 45 35.51 3.17 -17.46
C LEU A 45 34.22 3.78 -16.90
N ASP A 46 33.56 3.10 -15.93
CA ASP A 46 32.35 3.59 -15.25
C ASP A 46 32.68 4.92 -14.59
N GLY A 47 33.81 4.94 -13.88
CA GLY A 47 34.31 6.12 -13.18
C GLY A 47 34.58 7.31 -14.08
N LEU A 48 34.95 7.06 -15.35
CA LEU A 48 35.22 8.11 -16.30
C LEU A 48 33.92 8.65 -16.87
N ASN A 49 32.99 7.77 -17.30
CA ASN A 49 31.69 8.17 -17.85
C ASN A 49 30.94 8.97 -16.80
N SER A 50 30.96 8.47 -15.55
CA SER A 50 30.30 9.08 -14.42
C SER A 50 30.78 10.51 -14.23
N LEU A 51 32.11 10.69 -14.19
CA LEU A 51 32.80 11.97 -14.03
C LEU A 51 32.35 12.95 -15.11
N VAL A 52 32.34 12.51 -16.38
CA VAL A 52 31.87 13.29 -17.52
C VAL A 52 30.40 13.69 -17.39
N LEU A 53 29.53 12.73 -17.01
CA LEU A 53 28.10 12.94 -16.83
C LEU A 53 27.82 14.03 -15.79
N ASP A 54 28.34 13.82 -14.57
CA ASP A 54 28.20 14.68 -13.41
C ASP A 54 28.65 16.13 -13.61
N LEU A 55 29.68 16.36 -14.46
CA LEU A 55 30.29 17.68 -14.66
C LEU A 55 29.82 18.50 -15.89
N ASP A 56 29.49 17.84 -17.01
CA ASP A 56 29.07 18.54 -18.22
C ASP A 56 27.69 19.22 -18.10
N PHE A 57 27.71 20.45 -17.55
CA PHE A 57 26.61 21.39 -17.36
C PHE A 57 27.23 22.79 -17.37
N PRO A 58 26.80 23.72 -18.28
CA PRO A 58 27.41 25.07 -18.32
C PRO A 58 27.59 25.75 -16.96
N ALA A 59 26.63 25.54 -16.02
CA ALA A 59 26.64 26.06 -14.65
C ALA A 59 27.95 25.70 -13.90
N LEU A 60 28.48 24.49 -14.17
CA LEU A 60 29.72 23.94 -13.58
C LEU A 60 30.90 24.07 -14.55
N ARG A 61 30.62 24.04 -15.88
CA ARG A 61 31.60 24.17 -16.98
C ARG A 61 32.30 25.55 -16.97
N LYS A 62 31.79 26.49 -16.13
CA LYS A 62 32.35 27.83 -15.91
C LYS A 62 33.79 27.59 -15.44
N ASN A 63 33.95 26.76 -14.37
CA ASN A 63 35.22 26.32 -13.79
C ASN A 63 36.20 25.87 -14.89
N LYS A 64 37.42 26.43 -14.85
CA LYS A 64 38.49 26.18 -15.82
C LYS A 64 38.87 24.69 -15.85
N ASN A 65 39.04 24.09 -14.65
CA ASN A 65 39.39 22.68 -14.42
C ASN A 65 38.37 21.72 -15.00
N ILE A 66 37.09 21.95 -14.70
CA ILE A 66 35.99 21.15 -15.23
C ILE A 66 35.96 21.29 -16.76
N ASP A 67 36.23 22.51 -17.28
CA ASP A 67 36.24 22.79 -18.71
C ASP A 67 37.36 22.06 -19.47
N ASN A 68 38.63 22.17 -19.01
CA ASN A 68 39.74 21.53 -19.71
C ASN A 68 39.70 20.00 -19.66
N PHE A 69 39.22 19.43 -18.52
CA PHE A 69 39.05 17.98 -18.39
C PHE A 69 37.95 17.52 -19.36
N LEU A 70 36.82 18.26 -19.42
CA LEU A 70 35.75 17.92 -20.34
C LEU A 70 36.20 18.08 -21.75
N ASN A 71 36.96 19.14 -22.05
CA ASN A 71 37.54 19.37 -23.37
C ASN A 71 38.32 18.15 -23.86
N ARG A 72 39.29 17.68 -23.06
CA ARG A 72 40.12 16.53 -23.39
C ARG A 72 39.33 15.22 -23.56
N TYR A 73 38.31 15.00 -22.72
CA TYR A 73 37.63 13.71 -22.67
C TYR A 73 36.25 13.61 -23.31
N GLU A 74 35.38 14.64 -23.23
CA GLU A 74 34.02 14.56 -23.79
C GLU A 74 33.96 13.89 -25.16
N LYS A 75 34.83 14.26 -26.11
CA LYS A 75 34.87 13.62 -27.44
C LYS A 75 35.15 12.09 -27.38
N ILE A 76 36.14 11.64 -26.56
CA ILE A 76 36.48 10.21 -26.41
C ILE A 76 35.39 9.46 -25.64
N VAL A 77 34.88 10.06 -24.55
CA VAL A 77 33.86 9.48 -23.68
C VAL A 77 32.58 9.21 -24.49
N LYS A 78 32.13 10.20 -25.29
CA LYS A 78 30.97 10.07 -26.19
C LYS A 78 31.18 8.85 -27.13
N LYS A 79 32.43 8.66 -27.61
CA LYS A 79 32.82 7.56 -28.48
C LYS A 79 32.74 6.18 -27.78
N ILE A 80 33.16 6.09 -26.48
CA ILE A 80 33.09 4.82 -25.70
C ILE A 80 31.62 4.49 -25.47
N ARG A 81 30.85 5.50 -25.04
CA ARG A 81 29.41 5.45 -24.80
C ARG A 81 28.72 4.56 -25.83
N GLY A 82 28.97 4.82 -27.12
CA GLY A 82 28.43 4.04 -28.23
C GLY A 82 29.11 2.70 -28.46
N LEU A 83 30.41 2.61 -28.17
CA LEU A 83 31.21 1.38 -28.33
C LEU A 83 30.90 0.33 -27.27
N GLN A 84 30.32 0.77 -26.14
CA GLN A 84 29.91 -0.10 -25.04
C GLN A 84 28.44 -0.49 -25.21
N MET A 85 28.00 -1.53 -24.46
CA MET A 85 26.61 -2.01 -24.50
C MET A 85 25.66 -0.92 -23.97
N LYS A 86 24.59 -0.67 -24.74
CA LYS A 86 23.56 0.34 -24.53
C LYS A 86 22.20 -0.32 -24.53
N ALA A 87 21.19 0.38 -23.99
CA ALA A 87 19.81 -0.08 -24.04
C ALA A 87 19.38 -0.14 -25.50
N GLU A 88 20.01 0.70 -26.34
CA GLU A 88 19.79 0.85 -27.79
C GLU A 88 20.04 -0.42 -28.58
N ASP A 89 20.92 -1.31 -28.04
CA ASP A 89 21.29 -2.61 -28.63
C ASP A 89 20.14 -3.66 -28.56
N TYR A 90 19.01 -3.31 -27.93
CA TYR A 90 17.93 -4.24 -27.69
C TYR A 90 16.59 -3.79 -28.20
N ASP A 91 15.86 -4.72 -28.80
CA ASP A 91 14.49 -4.45 -29.22
C ASP A 91 13.59 -4.88 -28.08
N VAL A 92 12.90 -3.91 -27.46
CA VAL A 92 11.99 -4.12 -26.33
C VAL A 92 10.69 -4.75 -26.79
N VAL A 93 10.62 -6.09 -26.75
CA VAL A 93 9.45 -6.89 -27.13
C VAL A 93 8.19 -6.51 -26.34
N LYS A 94 8.19 -6.69 -25.01
CA LYS A 94 7.04 -6.41 -24.15
C LYS A 94 7.55 -6.15 -22.72
N VAL A 95 6.67 -5.73 -21.80
CA VAL A 95 7.02 -5.54 -20.39
C VAL A 95 6.38 -6.70 -19.59
N ILE A 96 7.19 -7.52 -18.90
CA ILE A 96 6.68 -8.70 -18.19
C ILE A 96 6.60 -8.52 -16.66
N GLY A 97 7.19 -7.45 -16.15
CA GLY A 97 7.20 -7.15 -14.72
C GLY A 97 7.31 -5.67 -14.40
N ARG A 98 6.94 -5.29 -13.18
CA ARG A 98 6.97 -3.92 -12.68
C ARG A 98 7.16 -3.95 -11.17
N GLY A 99 8.24 -3.34 -10.72
CA GLY A 99 8.61 -3.23 -9.31
C GLY A 99 8.75 -1.79 -8.83
N ALA A 100 9.09 -1.64 -7.52
CA ALA A 100 9.25 -0.34 -6.84
C ALA A 100 10.11 0.68 -7.58
N PHE A 101 11.28 0.24 -8.12
CA PHE A 101 12.24 1.13 -8.78
C PHE A 101 12.33 0.97 -10.30
N GLY A 102 11.41 0.24 -10.90
CA GLY A 102 11.42 0.06 -12.34
C GLY A 102 10.60 -1.09 -12.86
N GLU A 103 10.90 -1.52 -14.08
CA GLU A 103 10.20 -2.59 -14.77
C GLU A 103 11.18 -3.65 -15.30
N VAL A 104 10.65 -4.88 -15.54
CA VAL A 104 11.33 -6.00 -16.16
C VAL A 104 10.73 -6.05 -17.58
N GLN A 105 11.60 -6.11 -18.60
CA GLN A 105 11.16 -6.16 -19.99
C GLN A 105 11.63 -7.42 -20.71
N LEU A 106 10.81 -7.94 -21.66
CA LEU A 106 11.20 -9.06 -22.52
C LEU A 106 11.94 -8.40 -23.69
N VAL A 107 13.22 -8.74 -23.88
CA VAL A 107 14.00 -8.07 -24.92
C VAL A 107 14.70 -9.04 -25.86
N ARG A 108 15.24 -8.52 -26.97
CA ARG A 108 16.02 -9.29 -27.93
C ARG A 108 17.25 -8.44 -28.34
N HIS A 109 18.46 -8.98 -28.18
CA HIS A 109 19.68 -8.25 -28.52
C HIS A 109 19.84 -8.18 -30.02
N LYS A 110 19.51 -7.01 -30.63
CA LYS A 110 19.51 -6.72 -32.08
C LYS A 110 20.57 -7.52 -32.87
N ALA A 111 21.86 -7.23 -32.62
CA ALA A 111 22.95 -7.93 -33.29
C ALA A 111 22.83 -9.45 -33.22
N SER A 112 22.74 -10.03 -32.00
CA SER A 112 22.73 -11.48 -31.78
C SER A 112 21.37 -12.18 -31.95
N GLN A 113 20.26 -11.41 -32.02
CA GLN A 113 18.86 -11.89 -32.15
C GLN A 113 18.42 -12.76 -30.95
N LYS A 114 19.33 -12.89 -29.95
CA LYS A 114 19.19 -13.64 -28.70
C LYS A 114 18.26 -12.93 -27.74
N VAL A 115 17.27 -13.68 -27.20
CA VAL A 115 16.24 -13.23 -26.27
C VAL A 115 16.68 -13.31 -24.78
N TYR A 116 16.42 -12.24 -24.03
CA TYR A 116 16.75 -12.11 -22.62
C TYR A 116 15.64 -11.37 -21.91
N ALA A 117 15.62 -11.40 -20.58
CA ALA A 117 14.74 -10.54 -19.79
C ALA A 117 15.70 -9.51 -19.19
N MET A 118 15.34 -8.22 -19.32
CA MET A 118 16.12 -7.11 -18.82
C MET A 118 15.40 -6.35 -17.70
N LYS A 119 15.98 -6.38 -16.48
CA LYS A 119 15.46 -5.62 -15.33
C LYS A 119 16.09 -4.23 -15.34
N LEU A 120 15.26 -3.21 -15.11
CA LEU A 120 15.61 -1.78 -15.10
C LEU A 120 15.36 -1.20 -13.73
N LEU A 121 16.35 -0.48 -13.21
CA LEU A 121 16.29 0.22 -11.93
C LEU A 121 16.62 1.70 -12.14
N SER A 122 15.64 2.60 -11.84
CA SER A 122 15.75 4.07 -11.97
C SER A 122 16.71 4.65 -10.94
N LYS A 123 17.79 5.28 -11.44
CA LYS A 123 18.83 5.93 -10.63
C LYS A 123 18.22 7.10 -9.82
N PHE A 124 17.40 7.94 -10.48
CA PHE A 124 16.69 9.07 -9.88
C PHE A 124 15.87 8.66 -8.65
N GLU A 125 15.07 7.58 -8.79
CA GLU A 125 14.22 7.03 -7.73
C GLU A 125 15.04 6.32 -6.66
N MET A 126 16.27 5.91 -6.97
CA MET A 126 17.12 5.26 -5.97
C MET A 126 17.81 6.31 -5.09
N ILE A 127 17.92 7.57 -5.58
CA ILE A 127 18.51 8.69 -4.82
C ILE A 127 17.40 9.43 -4.05
N LYS A 128 16.28 9.72 -4.74
CA LYS A 128 15.09 10.37 -4.19
C LYS A 128 14.50 9.54 -3.04
N ARG A 129 14.47 8.19 -3.18
CA ARG A 129 13.92 7.27 -2.17
C ARG A 129 14.99 6.64 -1.26
N SER A 130 16.16 7.32 -1.13
CA SER A 130 17.30 6.95 -0.27
C SER A 130 18.00 5.61 -0.61
N ASP A 131 17.24 4.53 -0.89
CA ASP A 131 17.81 3.22 -1.19
C ASP A 131 18.43 3.13 -2.58
N SER A 132 19.78 2.98 -2.64
CA SER A 132 20.61 2.84 -3.83
C SER A 132 21.86 1.96 -3.56
N ALA A 133 21.66 0.77 -2.89
CA ALA A 133 22.75 -0.16 -2.54
C ALA A 133 22.38 -1.65 -2.64
N PHE A 134 21.08 -1.97 -2.77
CA PHE A 134 20.56 -3.35 -2.84
C PHE A 134 21.05 -4.15 -4.04
N PHE A 135 21.22 -3.46 -5.18
CA PHE A 135 21.56 -4.05 -6.47
C PHE A 135 22.89 -4.76 -6.48
N TRP A 136 23.86 -4.38 -5.62
CA TRP A 136 25.17 -5.04 -5.57
C TRP A 136 25.08 -6.52 -5.31
N GLU A 137 24.29 -6.92 -4.29
CA GLU A 137 24.07 -8.33 -3.94
C GLU A 137 23.26 -9.02 -5.03
N GLU A 138 22.17 -8.38 -5.48
CA GLU A 138 21.31 -8.87 -6.56
C GLU A 138 22.15 -9.28 -7.78
N ARG A 139 23.03 -8.38 -8.24
CA ARG A 139 23.91 -8.58 -9.38
C ARG A 139 24.85 -9.74 -9.12
N ASP A 140 25.56 -9.72 -7.99
CA ASP A 140 26.56 -10.71 -7.64
C ASP A 140 25.97 -12.12 -7.52
N ILE A 141 24.80 -12.27 -6.87
CA ILE A 141 24.09 -13.55 -6.79
C ILE A 141 23.92 -14.11 -8.21
N MET A 142 23.14 -13.40 -9.05
CA MET A 142 22.84 -13.81 -10.42
C MET A 142 24.06 -14.00 -11.30
N ALA A 143 25.05 -13.11 -11.16
CA ALA A 143 26.28 -13.13 -11.94
C ALA A 143 27.18 -14.34 -11.70
N PHE A 144 27.37 -14.75 -10.41
CA PHE A 144 28.34 -15.76 -9.98
C PHE A 144 27.82 -17.00 -9.25
N ALA A 145 26.54 -17.04 -8.78
CA ALA A 145 25.96 -18.21 -8.11
C ALA A 145 26.18 -19.51 -8.85
N ASN A 146 26.06 -19.48 -10.17
CA ASN A 146 26.21 -20.63 -11.06
C ASN A 146 25.47 -21.85 -10.46
N SER A 147 24.15 -21.69 -10.32
CA SER A 147 23.27 -22.67 -9.71
C SER A 147 22.08 -22.85 -10.60
N PRO A 148 21.60 -24.09 -10.82
CA PRO A 148 20.36 -24.27 -11.61
C PRO A 148 19.15 -23.53 -11.03
N TRP A 149 19.18 -23.21 -9.74
CA TRP A 149 18.09 -22.59 -8.99
C TRP A 149 18.05 -21.07 -9.02
N VAL A 150 19.08 -20.41 -9.54
CA VAL A 150 19.21 -18.96 -9.57
C VAL A 150 19.23 -18.47 -11.03
N VAL A 151 18.33 -17.52 -11.41
CA VAL A 151 18.31 -16.93 -12.77
C VAL A 151 19.69 -16.28 -13.00
N GLN A 152 20.36 -16.64 -14.12
CA GLN A 152 21.70 -16.15 -14.46
C GLN A 152 21.72 -14.76 -15.10
N LEU A 153 22.73 -13.94 -14.72
CA LEU A 153 22.98 -12.60 -15.25
C LEU A 153 24.14 -12.72 -16.24
N PHE A 154 23.88 -12.30 -17.50
CA PHE A 154 24.87 -12.29 -18.57
C PHE A 154 25.61 -10.97 -18.63
N TYR A 155 24.85 -9.87 -18.64
CA TYR A 155 25.38 -8.52 -18.73
C TYR A 155 24.72 -7.57 -17.76
N ALA A 156 25.52 -6.66 -17.21
CA ALA A 156 25.07 -5.56 -16.37
C ALA A 156 25.72 -4.31 -16.94
N PHE A 157 24.91 -3.32 -17.26
CA PHE A 157 25.38 -2.04 -17.78
C PHE A 157 24.54 -0.89 -17.20
N GLN A 158 24.82 0.38 -17.59
CA GLN A 158 24.11 1.58 -17.13
C GLN A 158 24.12 2.75 -18.14
N ASP A 159 23.35 3.80 -17.82
CA ASP A 159 23.26 5.09 -18.50
C ASP A 159 22.81 6.18 -17.52
N ASP A 160 22.92 7.47 -17.89
CA ASP A 160 22.52 8.62 -17.04
C ASP A 160 21.23 8.35 -16.21
N ARG A 161 20.26 7.68 -16.84
CA ARG A 161 18.93 7.36 -16.31
C ARG A 161 18.83 6.07 -15.50
N TYR A 162 19.23 4.91 -16.08
CA TYR A 162 19.04 3.61 -15.45
C TYR A 162 20.27 2.71 -15.21
N LEU A 163 19.99 1.63 -14.49
CA LEU A 163 20.85 0.50 -14.17
C LEU A 163 20.15 -0.67 -14.93
N TYR A 164 20.88 -1.40 -15.78
CA TYR A 164 20.30 -2.50 -16.57
C TYR A 164 20.92 -3.83 -16.23
N MET A 165 20.05 -4.85 -15.96
CA MET A 165 20.47 -6.22 -15.68
C MET A 165 19.89 -7.18 -16.71
N VAL A 166 20.74 -7.66 -17.62
CA VAL A 166 20.40 -8.61 -18.69
C VAL A 166 20.52 -10.09 -18.22
N MET A 167 19.34 -10.75 -18.11
CA MET A 167 19.21 -12.12 -17.61
C MET A 167 18.66 -13.12 -18.58
N GLU A 168 18.91 -14.40 -18.24
CA GLU A 168 18.35 -15.58 -18.87
C GLU A 168 16.80 -15.47 -18.72
N TYR A 169 16.06 -15.42 -19.83
CA TYR A 169 14.59 -15.31 -19.81
C TYR A 169 13.92 -16.63 -19.28
N MET A 170 12.76 -16.50 -18.58
CA MET A 170 12.02 -17.62 -17.97
C MET A 170 10.65 -17.72 -18.62
N PRO A 171 10.57 -18.44 -19.74
CA PRO A 171 9.31 -18.46 -20.52
C PRO A 171 8.13 -19.15 -19.86
N GLY A 172 8.40 -19.87 -18.76
CA GLY A 172 7.39 -20.61 -18.03
C GLY A 172 6.47 -19.78 -17.20
N GLY A 173 6.86 -18.54 -16.93
CA GLY A 173 6.07 -17.64 -16.10
C GLY A 173 6.39 -17.81 -14.63
N ASP A 174 5.57 -17.21 -13.74
CA ASP A 174 5.77 -17.29 -12.31
C ASP A 174 4.73 -18.15 -11.72
N LEU A 175 4.89 -18.51 -10.43
CA LEU A 175 3.90 -19.35 -9.78
C LEU A 175 2.58 -18.61 -9.42
N VAL A 176 2.54 -17.27 -9.61
CA VAL A 176 1.31 -16.49 -9.43
C VAL A 176 0.38 -16.95 -10.57
N ASN A 177 0.94 -16.98 -11.79
CA ASN A 177 0.24 -17.37 -13.01
C ASN A 177 -0.24 -18.83 -12.95
N LEU A 178 0.68 -19.77 -12.63
CA LEU A 178 0.36 -21.18 -12.50
C LEU A 178 -0.86 -21.40 -11.59
N MET A 179 -0.86 -20.76 -10.39
CA MET A 179 -1.92 -20.90 -9.40
C MET A 179 -3.25 -20.36 -9.94
N SER A 180 -3.21 -19.21 -10.64
CA SER A 180 -4.39 -18.59 -11.26
C SER A 180 -4.99 -19.42 -12.42
N ASN A 181 -4.21 -20.32 -13.03
CA ASN A 181 -4.68 -21.10 -14.18
C ASN A 181 -4.96 -22.55 -13.84
N TYR A 182 -4.73 -22.94 -12.57
CA TYR A 182 -4.88 -24.34 -12.18
C TYR A 182 -5.37 -24.54 -10.76
N ASP A 183 -5.97 -25.72 -10.56
CA ASP A 183 -6.38 -26.19 -9.26
C ASP A 183 -5.20 -27.07 -8.97
N VAL A 184 -4.37 -26.63 -8.01
CA VAL A 184 -3.10 -27.26 -7.73
C VAL A 184 -3.28 -28.46 -6.80
N PRO A 185 -3.13 -29.70 -7.34
CA PRO A 185 -3.25 -30.88 -6.49
C PRO A 185 -1.97 -31.11 -5.68
N GLU A 186 -2.09 -31.77 -4.52
CA GLU A 186 -0.98 -32.08 -3.62
C GLU A 186 0.23 -32.77 -4.28
N LYS A 187 0.02 -33.41 -5.44
CA LYS A 187 1.08 -34.09 -6.19
C LYS A 187 2.01 -33.01 -6.78
N TRP A 188 1.42 -31.91 -7.28
CA TRP A 188 2.08 -30.73 -7.86
C TRP A 188 2.75 -29.87 -6.79
N ALA A 189 2.02 -29.61 -5.70
CA ALA A 189 2.50 -28.87 -4.53
C ALA A 189 3.74 -29.56 -3.92
N LYS A 190 3.81 -30.91 -3.94
CA LYS A 190 4.98 -31.67 -3.46
C LYS A 190 6.23 -31.25 -4.22
N PHE A 191 6.15 -31.23 -5.55
CA PHE A 191 7.19 -30.85 -6.47
C PHE A 191 7.64 -29.41 -6.28
N TYR A 192 6.70 -28.44 -6.39
CA TYR A 192 7.07 -27.03 -6.28
C TYR A 192 7.64 -26.67 -4.92
N THR A 193 7.11 -27.25 -3.83
CA THR A 193 7.66 -27.00 -2.49
C THR A 193 9.09 -27.49 -2.41
N ALA A 194 9.36 -28.70 -2.95
CA ALA A 194 10.68 -29.34 -2.94
C ALA A 194 11.71 -28.53 -3.72
N GLU A 195 11.30 -28.01 -4.89
CA GLU A 195 12.16 -27.19 -5.75
C GLU A 195 12.51 -25.87 -5.04
N VAL A 196 11.52 -25.20 -4.41
CA VAL A 196 11.72 -23.97 -3.61
C VAL A 196 12.67 -24.28 -2.44
N VAL A 197 12.42 -25.35 -1.67
CA VAL A 197 13.29 -25.70 -0.52
C VAL A 197 14.79 -25.85 -0.95
N LEU A 198 15.05 -26.56 -2.08
CA LEU A 198 16.42 -26.71 -2.56
C LEU A 198 16.97 -25.42 -3.12
N ALA A 199 16.09 -24.54 -3.64
CA ALA A 199 16.52 -23.27 -4.21
C ALA A 199 17.01 -22.38 -3.10
N LEU A 200 16.19 -22.25 -2.02
CA LEU A 200 16.55 -21.51 -0.81
C LEU A 200 17.73 -22.18 -0.10
N ASP A 201 17.83 -23.51 -0.13
CA ASP A 201 19.02 -24.10 0.47
C ASP A 201 20.35 -23.68 -0.24
N ALA A 202 20.33 -23.51 -1.57
CA ALA A 202 21.47 -23.08 -2.35
C ALA A 202 21.81 -21.59 -2.04
N ILE A 203 20.77 -20.74 -1.90
CA ILE A 203 20.89 -19.32 -1.54
C ILE A 203 21.52 -19.21 -0.16
N HIS A 204 21.02 -20.01 0.82
CA HIS A 204 21.49 -20.07 2.21
C HIS A 204 22.95 -20.49 2.31
N SER A 205 23.35 -21.53 1.54
CA SER A 205 24.71 -22.05 1.57
C SER A 205 25.74 -21.09 0.95
N MET A 206 25.27 -20.02 0.31
CA MET A 206 26.15 -18.99 -0.25
C MET A 206 26.30 -17.92 0.83
N GLY A 207 25.67 -18.16 1.97
CA GLY A 207 25.67 -17.25 3.12
C GLY A 207 24.70 -16.14 2.90
N LEU A 208 23.54 -16.46 2.33
CA LEU A 208 22.52 -15.47 2.05
C LEU A 208 21.15 -15.86 2.52
N ILE A 209 20.38 -14.83 2.85
CA ILE A 209 19.03 -14.95 3.34
C ILE A 209 18.15 -14.17 2.37
N HIS A 210 17.22 -14.86 1.69
CA HIS A 210 16.37 -14.24 0.69
C HIS A 210 15.58 -13.05 1.23
N ARG A 211 14.83 -13.25 2.32
CA ARG A 211 14.00 -12.26 2.98
C ARG A 211 12.74 -11.89 2.16
N ASP A 212 12.71 -12.17 0.84
CA ASP A 212 11.49 -11.86 0.05
C ASP A 212 11.05 -13.05 -0.92
N VAL A 213 10.91 -14.23 -0.38
CA VAL A 213 10.51 -15.41 -1.14
C VAL A 213 8.98 -15.40 -1.26
N LYS A 214 8.45 -15.45 -2.51
CA LYS A 214 7.01 -15.40 -2.85
C LYS A 214 6.73 -15.88 -4.31
N PRO A 215 5.50 -16.31 -4.70
CA PRO A 215 5.28 -16.82 -6.07
C PRO A 215 5.68 -15.89 -7.20
N ASP A 216 5.53 -14.56 -7.00
CA ASP A 216 5.92 -13.51 -7.94
C ASP A 216 7.44 -13.57 -8.26
N ASN A 217 8.25 -14.23 -7.39
CA ASN A 217 9.71 -14.40 -7.48
C ASN A 217 10.12 -15.83 -7.88
N MET A 218 9.17 -16.76 -7.94
CA MET A 218 9.49 -18.13 -8.31
C MET A 218 9.14 -18.22 -9.78
N LEU A 219 10.13 -18.47 -10.62
CA LEU A 219 9.90 -18.51 -12.05
C LEU A 219 10.14 -19.86 -12.64
N LEU A 220 9.47 -20.16 -13.73
CA LEU A 220 9.59 -21.45 -14.41
C LEU A 220 10.34 -21.37 -15.73
N ASP A 221 11.19 -22.36 -16.02
CA ASP A 221 11.93 -22.35 -17.27
C ASP A 221 11.19 -23.13 -18.38
N LYS A 222 11.86 -23.26 -19.54
CA LYS A 222 11.45 -23.96 -20.77
C LYS A 222 10.81 -25.32 -20.45
N HIS A 223 11.37 -26.04 -19.43
CA HIS A 223 11.01 -27.39 -18.96
C HIS A 223 10.08 -27.38 -17.79
N GLY A 224 9.71 -26.19 -17.33
CA GLY A 224 8.79 -26.00 -16.21
C GLY A 224 9.39 -26.18 -14.83
N HIS A 225 10.74 -26.05 -14.72
CA HIS A 225 11.53 -26.17 -13.49
C HIS A 225 11.79 -24.79 -12.88
N LEU A 226 11.70 -24.73 -11.53
CA LEU A 226 11.81 -23.53 -10.73
C LEU A 226 13.18 -22.90 -10.69
N LYS A 227 13.24 -21.54 -10.65
CA LYS A 227 14.42 -20.68 -10.47
C LYS A 227 13.92 -19.49 -9.67
N LEU A 228 14.75 -18.98 -8.76
CA LEU A 228 14.36 -17.82 -7.97
C LEU A 228 14.95 -16.57 -8.60
N ALA A 229 14.30 -15.41 -8.32
CA ALA A 229 14.69 -14.06 -8.75
C ALA A 229 14.35 -13.00 -7.64
N ASP A 230 14.67 -11.72 -7.89
CA ASP A 230 14.46 -10.60 -6.98
C ASP A 230 15.23 -10.77 -5.68
N PHE A 231 16.56 -10.79 -5.84
CA PHE A 231 17.54 -10.89 -4.78
C PHE A 231 17.94 -9.55 -4.18
N GLY A 232 17.06 -8.53 -4.32
CA GLY A 232 17.25 -7.20 -3.75
C GLY A 232 17.38 -7.15 -2.23
N THR A 233 16.45 -7.81 -1.52
CA THR A 233 16.38 -7.88 -0.05
C THR A 233 17.58 -8.58 0.58
N CYS A 234 18.12 -9.58 -0.12
CA CYS A 234 19.24 -10.44 0.28
C CYS A 234 20.34 -9.73 1.10
N MET A 235 20.79 -10.39 2.19
CA MET A 235 21.82 -9.89 3.08
C MET A 235 22.83 -11.00 3.41
N LYS A 236 24.13 -10.64 3.50
CA LYS A 236 25.20 -11.60 3.85
C LYS A 236 25.14 -11.86 5.36
N MET A 237 25.12 -13.14 5.74
CA MET A 237 25.05 -13.56 7.15
C MET A 237 26.38 -13.30 7.86
N ASP A 238 26.38 -13.36 9.21
CA ASP A 238 27.57 -13.23 10.04
C ASP A 238 28.33 -14.58 10.00
N GLU A 239 29.27 -14.79 10.94
CA GLU A 239 29.99 -16.05 11.10
C GLU A 239 29.08 -17.00 11.90
N THR A 240 28.07 -16.42 12.58
CA THR A 240 27.05 -17.09 13.37
C THR A 240 25.89 -17.61 12.48
N GLY A 241 25.85 -17.15 11.22
CA GLY A 241 24.82 -17.46 10.25
C GLY A 241 23.55 -16.67 10.53
N MET A 242 23.73 -15.46 11.11
CA MET A 242 22.67 -14.54 11.52
C MET A 242 22.86 -13.16 10.90
N VAL A 243 21.82 -12.32 10.93
CA VAL A 243 21.85 -10.95 10.38
C VAL A 243 21.27 -9.93 11.38
N HIS A 244 22.02 -8.86 11.73
CA HIS A 244 21.52 -7.79 12.60
C HIS A 244 21.00 -6.58 11.77
N CYS A 245 19.71 -6.63 11.37
CA CYS A 245 19.03 -5.62 10.55
C CYS A 245 17.71 -5.22 11.22
N ASP A 246 17.71 -4.05 11.91
CA ASP A 246 16.55 -3.51 12.64
C ASP A 246 15.48 -2.82 11.73
N THR A 247 15.26 -3.39 10.52
CA THR A 247 14.27 -2.94 9.53
C THR A 247 13.53 -4.12 8.87
N ALA A 248 12.20 -4.01 8.80
CA ALA A 248 11.30 -4.99 8.21
C ALA A 248 11.25 -4.81 6.68
N VAL A 249 11.89 -5.75 5.95
CA VAL A 249 11.95 -5.76 4.47
C VAL A 249 11.39 -7.10 3.92
N GLY A 250 10.41 -6.98 3.01
CA GLY A 250 9.66 -8.06 2.36
C GLY A 250 8.26 -7.61 1.92
N THR A 251 7.36 -8.59 1.62
CA THR A 251 5.97 -8.30 1.18
C THR A 251 4.89 -8.77 2.20
N PRO A 252 3.90 -7.89 2.58
CA PRO A 252 2.89 -8.24 3.59
C PRO A 252 2.52 -9.72 3.79
N ASP A 253 1.81 -10.35 2.84
CA ASP A 253 1.31 -11.72 2.94
C ASP A 253 2.34 -12.80 3.21
N TYR A 254 3.59 -12.59 2.79
CA TYR A 254 4.61 -13.60 2.96
C TYR A 254 5.65 -13.27 4.08
N ILE A 255 5.63 -12.06 4.70
CA ILE A 255 6.58 -11.75 5.77
C ILE A 255 6.29 -12.59 7.00
N SER A 256 7.38 -13.08 7.64
CA SER A 256 7.38 -13.86 8.87
C SER A 256 7.13 -12.91 10.06
N PRO A 257 6.70 -13.42 11.26
CA PRO A 257 6.47 -12.50 12.39
C PRO A 257 7.76 -11.88 12.90
N GLU A 258 8.88 -12.64 12.95
CA GLU A 258 10.16 -12.16 13.44
C GLU A 258 10.72 -10.98 12.64
N VAL A 259 10.30 -10.82 11.36
CA VAL A 259 10.81 -9.74 10.55
C VAL A 259 9.92 -8.53 10.77
N LEU A 260 8.63 -8.73 11.11
CA LEU A 260 7.74 -7.64 11.53
C LEU A 260 8.30 -7.15 12.90
N LYS A 261 8.66 -8.12 13.79
CA LYS A 261 9.26 -7.86 15.09
C LYS A 261 10.71 -7.28 15.01
N SER A 262 11.34 -7.33 13.81
CA SER A 262 12.68 -6.78 13.61
C SER A 262 12.67 -5.25 13.50
N GLN A 263 11.55 -4.67 13.02
CA GLN A 263 11.39 -3.23 12.87
C GLN A 263 11.47 -2.48 14.22
N PHE A 268 18.22 -9.61 14.73
CA PHE A 268 19.08 -10.80 14.91
C PHE A 268 18.35 -12.11 14.58
N TYR A 269 18.09 -12.36 13.30
CA TYR A 269 17.42 -13.58 12.85
C TYR A 269 18.25 -14.40 11.86
N GLY A 270 17.81 -15.64 11.67
CA GLY A 270 18.50 -16.56 10.78
C GLY A 270 17.69 -16.85 9.54
N ARG A 271 18.20 -17.80 8.76
CA ARG A 271 17.65 -18.24 7.49
C ARG A 271 16.27 -18.92 7.61
N GLU A 272 15.76 -19.07 8.85
CA GLU A 272 14.47 -19.73 9.11
C GLU A 272 13.27 -18.82 8.75
N CYS A 273 13.54 -17.54 8.45
CA CYS A 273 12.51 -16.58 8.02
C CYS A 273 12.04 -16.89 6.60
N ASP A 274 12.92 -17.52 5.79
CA ASP A 274 12.60 -18.00 4.43
C ASP A 274 11.70 -19.26 4.48
N TRP A 275 11.88 -20.15 5.50
CA TRP A 275 11.03 -21.34 5.63
C TRP A 275 9.58 -20.98 5.97
N TRP A 276 9.38 -19.86 6.72
CA TRP A 276 8.04 -19.35 7.02
C TRP A 276 7.31 -19.06 5.72
N SER A 277 8.01 -18.39 4.74
CA SER A 277 7.44 -18.04 3.41
C SER A 277 6.99 -19.26 2.65
N VAL A 278 7.71 -20.37 2.82
CA VAL A 278 7.40 -21.65 2.20
C VAL A 278 6.09 -22.22 2.76
N GLY A 279 5.82 -21.99 4.06
CA GLY A 279 4.60 -22.40 4.71
C GLY A 279 3.43 -21.69 4.07
N VAL A 280 3.53 -20.36 3.93
CA VAL A 280 2.53 -19.48 3.32
C VAL A 280 2.30 -19.91 1.87
N PHE A 281 3.41 -20.23 1.16
CA PHE A 281 3.38 -20.66 -0.22
C PHE A 281 2.56 -21.92 -0.37
N LEU A 282 2.87 -22.97 0.40
CA LEU A 282 2.14 -24.24 0.36
C LEU A 282 0.66 -24.03 0.70
N TYR A 283 0.37 -23.24 1.74
CA TYR A 283 -1.01 -22.93 2.12
C TYR A 283 -1.76 -22.31 0.94
N GLU A 284 -1.19 -21.27 0.30
CA GLU A 284 -1.84 -20.63 -0.85
C GLU A 284 -2.09 -21.57 -2.02
N MET A 285 -1.09 -22.38 -2.40
CA MET A 285 -1.16 -23.36 -3.48
C MET A 285 -2.29 -24.37 -3.28
N LEU A 286 -2.49 -24.82 -2.04
CA LEU A 286 -3.50 -25.85 -1.72
C LEU A 286 -4.90 -25.28 -1.47
N VAL A 287 -5.01 -24.24 -0.61
CA VAL A 287 -6.27 -23.62 -0.20
C VAL A 287 -6.83 -22.61 -1.24
N GLY A 288 -5.95 -21.90 -1.92
CA GLY A 288 -6.33 -20.89 -2.91
C GLY A 288 -6.22 -19.46 -2.40
N ASP A 289 -5.93 -19.29 -1.11
CA ASP A 289 -5.77 -17.98 -0.47
C ASP A 289 -4.59 -18.03 0.45
N THR A 290 -3.99 -16.86 0.78
CA THR A 290 -2.90 -16.85 1.74
C THR A 290 -3.49 -17.04 3.16
N PRO A 291 -2.75 -17.71 4.07
CA PRO A 291 -3.31 -17.95 5.41
C PRO A 291 -3.53 -16.73 6.32
N PHE A 292 -3.05 -15.53 5.96
CA PHE A 292 -3.25 -14.33 6.79
C PHE A 292 -3.85 -13.15 6.05
N TYR A 293 -4.53 -13.44 4.93
CA TYR A 293 -5.17 -12.46 4.08
C TYR A 293 -6.18 -11.59 4.83
N ALA A 294 -5.99 -10.28 4.74
CA ALA A 294 -6.85 -9.27 5.36
C ALA A 294 -7.16 -8.10 4.43
N ASP A 295 -8.24 -7.41 4.75
CA ASP A 295 -8.79 -6.25 4.06
C ASP A 295 -7.75 -5.14 3.99
N SER A 296 -7.11 -4.81 5.14
CA SER A 296 -6.06 -3.78 5.20
C SER A 296 -4.64 -4.34 5.31
N LEU A 297 -3.67 -3.46 5.04
CA LEU A 297 -2.24 -3.71 5.12
C LEU A 297 -1.90 -4.02 6.59
N VAL A 298 -2.37 -3.19 7.55
CA VAL A 298 -2.16 -3.39 9.00
C VAL A 298 -2.95 -4.60 9.55
N GLY A 299 -4.03 -4.97 8.86
CA GLY A 299 -4.86 -6.12 9.18
C GLY A 299 -4.10 -7.42 9.00
N THR A 300 -3.39 -7.54 7.85
CA THR A 300 -2.55 -8.69 7.51
C THR A 300 -1.43 -8.74 8.55
N TYR A 301 -0.80 -7.60 8.78
CA TYR A 301 0.26 -7.42 9.74
C TYR A 301 -0.20 -7.99 11.09
N SER A 302 -1.38 -7.55 11.59
CA SER A 302 -1.94 -7.99 12.87
C SER A 302 -2.31 -9.49 12.88
N LYS A 303 -2.82 -10.01 11.75
CA LYS A 303 -3.15 -11.43 11.54
C LYS A 303 -1.89 -12.27 11.75
N ILE A 304 -0.77 -11.93 11.05
CA ILE A 304 0.55 -12.61 11.11
C ILE A 304 1.02 -12.67 12.54
N MET A 305 1.02 -11.52 13.23
CA MET A 305 1.49 -11.41 14.60
C MET A 305 0.72 -12.29 15.61
N ASP A 306 -0.50 -12.69 15.25
CA ASP A 306 -1.37 -13.55 16.01
C ASP A 306 -1.61 -14.87 15.22
N HIS A 307 -0.55 -15.39 14.55
CA HIS A 307 -0.62 -16.60 13.73
C HIS A 307 -1.16 -17.82 14.50
N LYS A 308 -0.83 -17.90 15.80
CA LYS A 308 -1.28 -18.96 16.71
C LYS A 308 -2.80 -19.08 16.70
N ASN A 309 -3.52 -17.95 16.61
CA ASN A 309 -4.97 -17.93 16.64
C ASN A 309 -5.65 -17.64 15.29
N SER A 310 -4.96 -16.89 14.39
CA SER A 310 -5.51 -16.50 13.08
C SER A 310 -5.40 -17.57 12.01
N LEU A 311 -4.41 -18.45 12.10
CA LEU A 311 -4.24 -19.48 11.08
C LEU A 311 -5.18 -20.66 11.30
N CYS A 312 -6.01 -20.97 10.28
CA CYS A 312 -6.91 -22.12 10.30
C CYS A 312 -7.34 -22.53 8.90
N PHE A 313 -7.29 -23.83 8.63
CA PHE A 313 -7.62 -24.44 7.34
C PHE A 313 -9.13 -24.54 7.15
N PRO A 314 -9.66 -23.96 6.04
CA PRO A 314 -11.11 -24.06 5.78
C PRO A 314 -11.52 -25.50 5.43
N GLU A 315 -12.65 -25.92 6.03
CA GLU A 315 -13.28 -27.25 5.98
C GLU A 315 -13.53 -27.78 4.56
N ASP A 316 -14.15 -26.96 3.69
CA ASP A 316 -14.46 -27.34 2.30
C ASP A 316 -13.19 -27.73 1.49
N ALA A 317 -12.04 -27.12 1.83
CA ALA A 317 -10.74 -27.41 1.20
C ALA A 317 -10.21 -28.70 1.82
N GLU A 318 -10.07 -29.74 1.00
CA GLU A 318 -9.60 -31.03 1.50
C GLU A 318 -8.07 -31.10 1.49
N ILE A 319 -7.46 -30.78 2.65
CA ILE A 319 -6.01 -30.80 2.84
C ILE A 319 -5.64 -32.05 3.65
N SER A 320 -4.66 -32.82 3.17
CA SER A 320 -4.22 -34.02 3.88
C SER A 320 -3.68 -33.70 5.28
N LYS A 321 -3.48 -34.73 6.12
CA LYS A 321 -2.97 -34.50 7.48
C LYS A 321 -1.46 -34.16 7.42
N HIS A 322 -0.80 -34.65 6.34
CA HIS A 322 0.61 -34.45 6.06
C HIS A 322 0.86 -33.07 5.50
N ALA A 323 -0.05 -32.57 4.65
CA ALA A 323 0.09 -31.23 4.10
C ALA A 323 -0.16 -30.19 5.22
N LYS A 324 -1.19 -30.44 6.06
CA LYS A 324 -1.54 -29.59 7.20
C LYS A 324 -0.38 -29.55 8.21
N ASN A 325 0.26 -30.71 8.45
CA ASN A 325 1.37 -30.79 9.40
C ASN A 325 2.52 -29.92 8.94
N LEU A 326 2.83 -29.95 7.64
CA LEU A 326 3.97 -29.18 7.11
C LEU A 326 3.70 -27.66 7.08
N ILE A 327 2.47 -27.22 6.69
CA ILE A 327 2.14 -25.80 6.70
C ILE A 327 2.30 -25.32 8.13
N CYS A 328 1.79 -26.11 9.08
CA CYS A 328 1.90 -25.83 10.49
C CYS A 328 3.34 -25.92 10.97
N ALA A 329 4.18 -26.76 10.36
CA ALA A 329 5.58 -26.91 10.77
C ALA A 329 6.43 -25.65 10.52
N PHE A 330 6.03 -24.85 9.52
CA PHE A 330 6.71 -23.64 9.08
C PHE A 330 5.97 -22.41 9.59
N LEU A 331 4.64 -22.51 9.74
CA LEU A 331 3.90 -21.34 10.20
C LEU A 331 3.79 -21.28 11.73
N THR A 332 4.94 -21.37 12.40
CA THR A 332 5.10 -21.22 13.85
C THR A 332 6.20 -20.19 14.12
N ASP A 333 6.49 -19.95 15.40
CA ASP A 333 7.55 -19.04 15.80
C ASP A 333 8.90 -19.64 15.46
N ARG A 334 9.88 -18.79 15.15
CA ARG A 334 11.21 -19.18 14.72
C ARG A 334 11.92 -20.17 15.63
N GLU A 335 11.61 -20.14 16.94
CA GLU A 335 12.22 -21.03 17.95
C GLU A 335 11.85 -22.51 17.76
N VAL A 336 10.74 -22.80 17.09
CA VAL A 336 10.28 -24.18 16.86
C VAL A 336 10.02 -24.50 15.37
N ARG A 337 10.22 -23.52 14.45
CA ARG A 337 10.00 -23.68 13.01
C ARG A 337 10.86 -24.78 12.33
N LEU A 338 10.21 -25.63 11.47
CA LEU A 338 10.93 -26.66 10.71
C LEU A 338 11.97 -25.99 9.82
N GLY A 339 13.17 -26.54 9.80
CA GLY A 339 14.27 -25.99 9.02
C GLY A 339 15.30 -25.25 9.84
N ARG A 340 14.93 -24.85 11.09
CA ARG A 340 15.80 -24.11 12.04
C ARG A 340 17.20 -24.74 12.18
N ASN A 341 17.27 -26.08 11.99
CA ASN A 341 18.43 -26.97 12.13
C ASN A 341 19.03 -27.44 10.81
N GLY A 342 18.37 -27.09 9.71
CA GLY A 342 18.82 -27.46 8.37
C GLY A 342 17.71 -27.97 7.48
N VAL A 343 18.06 -28.18 6.23
CA VAL A 343 17.15 -28.66 5.19
C VAL A 343 16.73 -30.12 5.42
N GLU A 344 17.63 -30.94 5.96
CA GLU A 344 17.40 -32.37 6.19
C GLU A 344 16.08 -32.63 6.96
N GLU A 345 15.80 -31.87 8.06
CA GLU A 345 14.53 -32.07 8.76
C GLU A 345 13.29 -31.79 7.84
N ILE A 346 13.43 -30.85 6.86
CA ILE A 346 12.37 -30.56 5.87
C ILE A 346 12.23 -31.75 4.90
N ARG A 347 13.35 -32.13 4.26
CA ARG A 347 13.43 -33.18 3.24
C ARG A 347 12.74 -34.47 3.65
N GLN A 348 12.95 -34.89 4.91
CA GLN A 348 12.41 -36.16 5.42
C GLN A 348 10.94 -36.12 5.85
N HIS A 349 10.25 -34.97 5.77
CA HIS A 349 8.83 -34.86 6.19
C HIS A 349 7.93 -35.76 5.36
N PRO A 350 7.04 -36.57 5.99
CA PRO A 350 6.14 -37.46 5.23
C PRO A 350 5.44 -36.82 4.02
N PHE A 351 5.03 -35.52 4.08
CA PHE A 351 4.36 -34.88 2.92
C PHE A 351 5.09 -35.06 1.60
N PHE A 352 6.43 -35.09 1.61
CA PHE A 352 7.20 -35.21 0.39
C PHE A 352 7.30 -36.62 -0.19
N LYS A 353 6.50 -37.59 0.32
CA LYS A 353 6.52 -38.97 -0.21
C LYS A 353 5.81 -39.01 -1.56
N ASN A 354 6.52 -39.50 -2.61
CA ASN A 354 6.02 -39.53 -3.99
C ASN A 354 6.69 -40.61 -4.85
N ASP A 355 6.10 -40.88 -6.04
CA ASP A 355 6.57 -41.88 -7.00
C ASP A 355 7.13 -41.23 -8.27
N GLN A 356 7.51 -39.95 -8.17
CA GLN A 356 7.95 -39.23 -9.35
C GLN A 356 9.39 -38.71 -9.28
N TRP A 357 9.87 -38.27 -8.10
CA TRP A 357 11.21 -37.71 -7.94
C TRP A 357 11.86 -38.03 -6.58
N HIS A 358 13.15 -37.67 -6.45
CA HIS A 358 13.98 -37.76 -5.24
C HIS A 358 14.63 -36.39 -4.99
N TRP A 359 15.16 -36.15 -3.78
CA TRP A 359 15.79 -34.86 -3.47
C TRP A 359 17.05 -34.65 -4.27
N ASP A 360 17.59 -35.74 -4.83
CA ASP A 360 18.82 -35.73 -5.60
C ASP A 360 18.62 -35.61 -7.10
N ASN A 361 17.35 -35.58 -7.57
CA ASN A 361 17.14 -35.48 -9.01
C ASN A 361 15.87 -34.74 -9.49
N ILE A 362 15.03 -34.12 -8.59
CA ILE A 362 13.77 -33.42 -8.96
C ILE A 362 13.92 -32.71 -10.33
N ARG A 363 15.03 -31.97 -10.50
CA ARG A 363 15.30 -31.15 -11.68
C ARG A 363 15.51 -31.93 -12.99
N GLU A 364 15.97 -33.18 -12.89
CA GLU A 364 16.18 -34.12 -13.97
C GLU A 364 14.83 -34.78 -14.33
N THR A 365 13.87 -34.83 -13.36
CA THR A 365 12.55 -35.44 -13.54
C THR A 365 11.59 -34.49 -14.29
N ALA A 366 10.47 -35.01 -14.83
CA ALA A 366 9.50 -34.20 -15.55
C ALA A 366 8.65 -33.37 -14.58
N ALA A 367 8.58 -32.06 -14.82
CA ALA A 367 7.82 -31.14 -13.97
C ALA A 367 6.30 -31.30 -14.20
N PRO A 368 5.44 -30.95 -13.21
CA PRO A 368 3.99 -31.16 -13.41
C PRO A 368 3.37 -30.40 -14.59
N VAL A 369 3.87 -29.20 -14.88
CA VAL A 369 3.39 -28.36 -15.98
C VAL A 369 4.57 -28.06 -16.86
N VAL A 370 4.54 -28.57 -18.09
CA VAL A 370 5.59 -28.29 -19.05
C VAL A 370 5.00 -27.23 -19.96
N PRO A 371 5.66 -26.07 -20.11
CA PRO A 371 5.03 -24.98 -20.88
C PRO A 371 5.08 -25.17 -22.40
N GLU A 372 3.93 -24.97 -23.07
CA GLU A 372 3.82 -25.01 -24.54
C GLU A 372 4.16 -23.59 -25.04
N LEU A 373 5.26 -23.47 -25.77
CA LEU A 373 5.73 -22.18 -26.23
C LEU A 373 5.68 -22.02 -27.75
N SER A 374 4.91 -21.00 -28.20
CA SER A 374 4.70 -20.70 -29.62
C SER A 374 5.95 -20.12 -30.31
N SER A 375 6.84 -19.41 -29.57
CA SER A 375 8.09 -18.79 -30.05
C SER A 375 9.09 -18.53 -28.90
N ASP A 376 10.31 -18.07 -29.26
CA ASP A 376 11.36 -17.70 -28.31
C ASP A 376 11.05 -16.39 -27.54
N ILE A 377 10.03 -15.63 -28.03
CA ILE A 377 9.52 -14.41 -27.41
C ILE A 377 8.07 -14.59 -27.00
N ASP A 378 7.67 -15.85 -26.75
CA ASP A 378 6.31 -16.13 -26.29
C ASP A 378 6.24 -15.61 -24.85
N SER A 379 5.34 -14.67 -24.59
CA SER A 379 5.15 -14.06 -23.26
C SER A 379 3.76 -14.33 -22.69
N SER A 380 3.11 -15.43 -23.13
CA SER A 380 1.74 -15.80 -22.74
C SER A 380 1.56 -16.15 -21.24
N ASN A 381 2.64 -16.59 -20.55
CA ASN A 381 2.62 -16.96 -19.13
C ASN A 381 2.84 -15.78 -18.17
N PHE A 382 2.93 -14.57 -18.74
CA PHE A 382 3.08 -13.32 -18.02
C PHE A 382 1.89 -12.43 -18.33
N ASP A 383 1.35 -11.78 -17.28
CA ASP A 383 0.23 -10.85 -17.40
C ASP A 383 0.68 -9.59 -18.15
N ASP A 384 -0.28 -8.89 -18.79
CA ASP A 384 -0.03 -7.65 -19.53
C ASP A 384 0.30 -6.50 -18.56
N ILE A 385 1.26 -5.62 -18.93
CA ILE A 385 1.67 -4.50 -18.07
C ILE A 385 1.50 -3.15 -18.80
N GLU A 393 11.15 11.73 -12.77
CA GLU A 393 12.33 10.91 -13.07
C GLU A 393 13.50 11.76 -13.62
N THR A 394 13.19 12.97 -14.13
CA THR A 394 14.19 13.89 -14.67
C THR A 394 14.99 14.52 -13.52
N PHE A 395 16.29 14.17 -13.41
CA PHE A 395 17.21 14.69 -12.39
C PHE A 395 17.41 16.22 -12.54
N PRO A 396 17.36 17.01 -11.43
CA PRO A 396 17.55 18.48 -11.56
C PRO A 396 18.99 18.85 -11.92
N ILE A 397 19.16 19.62 -13.04
CA ILE A 397 20.46 20.13 -13.52
C ILE A 397 21.13 20.86 -12.34
N PRO A 398 22.38 20.52 -11.95
CA PRO A 398 22.97 21.17 -10.77
C PRO A 398 23.63 22.52 -11.03
N LYS A 399 24.04 23.17 -9.94
CA LYS A 399 24.74 24.45 -9.94
C LYS A 399 25.99 24.32 -9.04
N ALA A 400 26.17 23.11 -8.50
CA ALA A 400 27.27 22.70 -7.63
C ALA A 400 27.38 21.18 -7.80
N PHE A 401 28.59 20.62 -7.66
CA PHE A 401 28.80 19.19 -7.84
C PHE A 401 27.98 18.35 -6.85
N VAL A 402 27.13 17.44 -7.39
CA VAL A 402 26.30 16.56 -6.56
C VAL A 402 26.87 15.13 -6.51
N GLY A 403 27.22 14.58 -7.69
CA GLY A 403 27.82 13.27 -7.81
C GLY A 403 26.83 12.13 -7.80
N ASN A 404 25.68 12.34 -8.47
CA ASN A 404 24.62 11.32 -8.56
C ASN A 404 25.07 9.97 -9.14
N GLN A 405 26.04 9.97 -10.07
CA GLN A 405 26.58 8.76 -10.68
C GLN A 405 27.55 8.00 -9.80
N LEU A 406 28.17 8.64 -8.81
CA LEU A 406 29.17 7.95 -7.95
C LEU A 406 28.68 6.64 -7.31
N PRO A 407 27.49 6.54 -6.66
CA PRO A 407 27.07 5.23 -6.09
C PRO A 407 26.92 4.07 -7.10
N PHE A 408 26.89 4.36 -8.43
CA PHE A 408 26.72 3.35 -9.46
C PHE A 408 28.05 2.98 -10.22
N ILE A 409 29.21 3.47 -9.73
CA ILE A 409 30.52 3.16 -10.31
C ILE A 409 30.87 1.74 -9.89
N GLY A 410 31.07 0.87 -10.89
CA GLY A 410 31.39 -0.55 -10.71
C GLY A 410 30.25 -1.48 -11.09
N PHE A 411 29.08 -0.91 -11.45
CA PHE A 411 27.92 -1.71 -11.83
C PHE A 411 28.16 -2.50 -13.12
N THR A 412 28.76 -1.91 -14.15
CA THR A 412 29.01 -2.62 -15.40
C THR A 412 29.79 -3.95 -15.18
N TYR A 413 29.22 -5.05 -15.72
CA TYR A 413 29.79 -6.38 -15.64
C TYR A 413 29.91 -6.97 -17.04
N ARG B 26 -50.39 -0.99 8.71
CA ARG B 26 -50.26 0.33 9.34
C ARG B 26 -48.88 0.53 10.05
N LYS B 27 -48.30 -0.54 10.65
CA LYS B 27 -46.96 -0.45 11.24
C LYS B 27 -45.90 -0.46 10.12
N LEU B 28 -46.35 -0.85 8.90
CA LEU B 28 -45.56 -0.90 7.67
C LEU B 28 -45.56 0.51 7.06
N GLU B 29 -46.75 1.15 6.94
CA GLU B 29 -46.92 2.52 6.41
C GLU B 29 -46.06 3.50 7.23
N ALA B 30 -45.64 3.08 8.43
CA ALA B 30 -44.76 3.79 9.36
C ALA B 30 -43.32 3.70 8.85
N LEU B 31 -42.83 2.48 8.55
CA LEU B 31 -41.47 2.22 8.05
C LEU B 31 -41.21 2.85 6.67
N ILE B 32 -42.25 2.96 5.84
CA ILE B 32 -42.13 3.56 4.51
C ILE B 32 -42.02 5.11 4.58
N ARG B 33 -42.61 5.72 5.63
CA ARG B 33 -42.60 7.18 5.80
C ARG B 33 -41.36 7.72 6.55
N ASP B 34 -40.64 6.85 7.29
CA ASP B 34 -39.45 7.20 8.07
C ASP B 34 -38.17 7.34 7.19
N PRO B 35 -37.48 8.52 7.18
CA PRO B 35 -36.25 8.66 6.35
C PRO B 35 -35.03 7.83 6.77
N ARG B 36 -34.96 7.42 8.06
CA ARG B 36 -33.86 6.59 8.58
C ARG B 36 -34.00 5.14 8.09
N SER B 37 -35.22 4.76 7.63
CA SER B 37 -35.60 3.41 7.19
C SER B 37 -34.92 2.95 5.91
N PRO B 38 -34.45 1.66 5.85
CA PRO B 38 -33.88 1.15 4.60
C PRO B 38 -34.91 0.93 3.48
N ILE B 39 -36.22 1.04 3.82
CA ILE B 39 -37.32 0.80 2.88
C ILE B 39 -38.24 2.03 2.70
N ASN B 40 -37.68 3.24 2.68
CA ASN B 40 -38.49 4.45 2.40
C ASN B 40 -38.80 4.45 0.88
N VAL B 41 -39.73 5.28 0.39
CA VAL B 41 -40.06 5.25 -1.04
C VAL B 41 -38.79 5.37 -1.92
N GLU B 42 -37.97 6.44 -1.71
CA GLU B 42 -36.72 6.70 -2.47
C GLU B 42 -35.76 5.49 -2.52
N SER B 43 -35.83 4.61 -1.50
CA SER B 43 -35.01 3.41 -1.44
C SER B 43 -35.63 2.32 -2.26
N LEU B 44 -36.96 2.20 -2.21
CA LEU B 44 -37.65 1.20 -3.02
C LEU B 44 -37.50 1.57 -4.51
N LEU B 45 -37.48 2.90 -4.84
CA LEU B 45 -37.20 3.35 -6.21
C LEU B 45 -35.75 3.07 -6.58
N ASP B 46 -34.83 3.16 -5.58
CA ASP B 46 -33.39 2.88 -5.76
C ASP B 46 -33.26 1.42 -6.20
N GLY B 47 -33.91 0.53 -5.46
CA GLY B 47 -33.91 -0.90 -5.75
C GLY B 47 -34.52 -1.28 -7.09
N LEU B 48 -35.41 -0.44 -7.62
CA LEU B 48 -36.03 -0.74 -8.90
C LEU B 48 -35.09 -0.33 -10.01
N ASN B 49 -34.50 0.87 -9.90
CA ASN B 49 -33.56 1.41 -10.88
C ASN B 49 -32.29 0.57 -10.96
N SER B 50 -31.88 -0.03 -9.82
CA SER B 50 -30.69 -0.86 -9.70
C SER B 50 -30.98 -2.20 -10.32
N LEU B 51 -32.19 -2.76 -10.05
CA LEU B 51 -32.62 -4.03 -10.62
C LEU B 51 -32.71 -3.95 -12.15
N VAL B 52 -33.19 -2.81 -12.67
CA VAL B 52 -33.29 -2.55 -14.11
C VAL B 52 -31.90 -2.40 -14.72
N LEU B 53 -31.00 -1.66 -14.03
CA LEU B 53 -29.65 -1.45 -14.52
C LEU B 53 -28.85 -2.75 -14.60
N ASP B 54 -28.93 -3.59 -13.56
CA ASP B 54 -28.20 -4.85 -13.50
C ASP B 54 -28.80 -6.02 -14.32
N LEU B 55 -29.76 -5.73 -15.22
CA LEU B 55 -30.37 -6.75 -16.07
C LEU B 55 -30.39 -6.36 -17.52
N ASP B 56 -30.49 -5.06 -17.83
CA ASP B 56 -30.59 -4.55 -19.19
C ASP B 56 -29.27 -4.68 -19.96
N PHE B 57 -29.01 -5.91 -20.42
CA PHE B 57 -27.83 -6.36 -21.20
C PHE B 57 -28.27 -7.53 -22.11
N PRO B 58 -27.81 -7.54 -23.39
CA PRO B 58 -28.22 -8.60 -24.34
C PRO B 58 -28.17 -10.05 -23.86
N ALA B 59 -27.12 -10.42 -23.10
CA ALA B 59 -26.90 -11.79 -22.59
C ALA B 59 -27.98 -12.22 -21.61
N LEU B 60 -28.32 -11.35 -20.64
CA LEU B 60 -29.35 -11.60 -19.62
C LEU B 60 -30.73 -11.57 -20.24
N ARG B 61 -30.93 -10.70 -21.25
CA ARG B 61 -32.18 -10.52 -22.03
C ARG B 61 -32.60 -11.79 -22.81
N LYS B 62 -31.75 -12.84 -22.74
CA LYS B 62 -32.00 -14.15 -23.35
C LYS B 62 -33.02 -14.85 -22.45
N ASN B 63 -32.95 -14.60 -21.10
CA ASN B 63 -33.89 -15.12 -20.10
C ASN B 63 -35.22 -14.43 -20.34
N LYS B 64 -36.32 -15.20 -20.36
CA LYS B 64 -37.63 -14.62 -20.64
C LYS B 64 -38.22 -13.83 -19.44
N ASN B 65 -37.85 -14.23 -18.18
CA ASN B 65 -38.24 -13.55 -16.94
C ASN B 65 -37.68 -12.14 -16.99
N ILE B 66 -36.35 -12.03 -17.17
CA ILE B 66 -35.61 -10.78 -17.27
C ILE B 66 -36.14 -9.94 -18.41
N ASP B 67 -36.27 -10.57 -19.60
CA ASP B 67 -36.71 -9.87 -20.78
C ASP B 67 -38.11 -9.27 -20.64
N ASN B 68 -39.09 -10.01 -20.10
CA ASN B 68 -40.44 -9.47 -20.00
C ASN B 68 -40.62 -8.47 -18.87
N PHE B 69 -39.88 -8.67 -17.72
CA PHE B 69 -39.84 -7.73 -16.59
C PHE B 69 -39.30 -6.40 -17.10
N LEU B 70 -38.18 -6.46 -17.86
CA LEU B 70 -37.58 -5.26 -18.41
C LEU B 70 -38.50 -4.63 -19.42
N ASN B 71 -39.13 -5.43 -20.30
CA ASN B 71 -40.10 -4.90 -21.26
C ASN B 71 -41.14 -4.00 -20.56
N ARG B 72 -41.73 -4.52 -19.45
CA ARG B 72 -42.73 -3.84 -18.62
C ARG B 72 -42.21 -2.56 -17.88
N TYR B 73 -41.04 -2.60 -17.23
CA TYR B 73 -40.55 -1.46 -16.44
C TYR B 73 -39.57 -0.47 -17.14
N GLU B 74 -38.89 -0.91 -18.21
CA GLU B 74 -37.93 -0.13 -18.99
C GLU B 74 -38.21 1.36 -19.09
N LYS B 75 -39.39 1.73 -19.61
CA LYS B 75 -39.79 3.12 -19.86
C LYS B 75 -40.07 3.92 -18.58
N ILE B 76 -40.86 3.36 -17.63
CA ILE B 76 -41.24 4.02 -16.38
C ILE B 76 -39.98 4.34 -15.53
N VAL B 77 -39.09 3.32 -15.35
CA VAL B 77 -37.82 3.42 -14.62
C VAL B 77 -36.94 4.49 -15.25
N LYS B 78 -36.87 4.53 -16.59
CA LYS B 78 -36.06 5.53 -17.25
C LYS B 78 -36.70 6.92 -17.15
N LYS B 79 -38.02 7.02 -16.89
CA LYS B 79 -38.66 8.33 -16.69
C LYS B 79 -38.36 8.87 -15.26
N ILE B 80 -38.37 7.97 -14.23
CA ILE B 80 -38.05 8.23 -12.81
C ILE B 80 -36.61 8.75 -12.70
N ARG B 81 -35.67 8.15 -13.48
CA ARG B 81 -34.25 8.51 -13.53
C ARG B 81 -34.06 10.00 -13.84
N GLY B 82 -34.89 10.52 -14.75
CA GLY B 82 -34.91 11.92 -15.15
C GLY B 82 -35.24 12.89 -14.03
N LEU B 83 -36.06 12.44 -13.06
CA LEU B 83 -36.44 13.27 -11.91
C LEU B 83 -35.41 13.25 -10.79
N GLN B 84 -34.49 12.28 -10.82
CA GLN B 84 -33.43 12.14 -9.84
C GLN B 84 -32.43 13.27 -9.95
N MET B 85 -31.77 13.59 -8.82
CA MET B 85 -30.69 14.56 -8.77
C MET B 85 -29.51 13.93 -9.56
N LYS B 86 -28.90 14.75 -10.39
CA LYS B 86 -27.77 14.36 -11.24
C LYS B 86 -26.55 15.21 -10.85
N ALA B 87 -25.34 14.71 -11.21
CA ALA B 87 -24.08 15.44 -11.02
C ALA B 87 -24.17 16.72 -11.87
N GLU B 88 -24.97 16.67 -12.95
CA GLU B 88 -25.21 17.73 -13.92
C GLU B 88 -25.90 18.97 -13.32
N ASP B 89 -26.60 18.82 -12.18
CA ASP B 89 -27.28 19.92 -11.48
C ASP B 89 -26.26 20.82 -10.76
N TYR B 90 -25.00 20.39 -10.73
CA TYR B 90 -23.92 21.06 -10.04
C TYR B 90 -22.76 21.50 -10.95
N ASP B 91 -22.13 22.64 -10.60
CA ASP B 91 -20.94 23.21 -11.22
C ASP B 91 -19.76 22.94 -10.30
N VAL B 92 -18.82 22.07 -10.74
CA VAL B 92 -17.61 21.79 -9.99
C VAL B 92 -16.67 23.04 -10.06
N VAL B 93 -16.47 23.69 -8.91
CA VAL B 93 -15.63 24.87 -8.75
C VAL B 93 -14.15 24.46 -8.59
N LYS B 94 -13.84 23.47 -7.73
CA LYS B 94 -12.44 23.06 -7.46
C LYS B 94 -12.38 21.75 -6.69
N VAL B 95 -11.33 20.96 -6.92
CA VAL B 95 -11.19 19.74 -6.14
C VAL B 95 -10.45 20.15 -4.85
N ILE B 96 -11.11 19.92 -3.71
CA ILE B 96 -10.59 20.33 -2.41
C ILE B 96 -10.26 19.15 -1.52
N GLY B 97 -10.33 17.94 -2.09
CA GLY B 97 -10.04 16.71 -1.36
C GLY B 97 -9.83 15.51 -2.25
N ARG B 98 -9.16 14.49 -1.71
CA ARG B 98 -8.92 13.22 -2.42
C ARG B 98 -8.92 12.09 -1.44
N GLY B 99 -9.13 10.89 -1.97
CA GLY B 99 -9.25 9.69 -1.17
C GLY B 99 -9.16 8.44 -2.00
N ALA B 100 -9.06 7.32 -1.29
CA ALA B 100 -8.95 5.99 -1.87
C ALA B 100 -9.95 5.77 -3.02
N PHE B 101 -11.25 6.02 -2.74
CA PHE B 101 -12.33 5.74 -3.67
C PHE B 101 -12.92 6.97 -4.42
N GLY B 102 -12.32 8.15 -4.32
CA GLY B 102 -12.82 9.31 -5.05
C GLY B 102 -12.18 10.66 -4.75
N GLU B 103 -13.03 11.68 -4.55
CA GLU B 103 -12.65 13.06 -4.29
C GLU B 103 -13.79 13.87 -3.61
N VAL B 104 -13.42 15.04 -3.04
CA VAL B 104 -14.29 16.03 -2.44
C VAL B 104 -14.18 17.26 -3.34
N GLN B 105 -15.32 17.70 -3.89
CA GLN B 105 -15.35 18.85 -4.78
C GLN B 105 -16.07 19.96 -4.11
N LEU B 106 -15.77 21.17 -4.52
CA LEU B 106 -16.48 22.34 -4.05
C LEU B 106 -17.39 22.61 -5.24
N VAL B 107 -18.72 22.49 -5.02
CA VAL B 107 -19.75 22.64 -6.07
C VAL B 107 -20.68 23.82 -5.86
N ARG B 108 -21.34 24.23 -6.95
CA ARG B 108 -22.39 25.26 -6.93
C ARG B 108 -23.62 24.67 -7.61
N HIS B 109 -24.74 24.61 -6.89
CA HIS B 109 -25.99 24.08 -7.46
C HIS B 109 -26.48 25.12 -8.49
N LYS B 110 -26.51 24.77 -9.76
CA LYS B 110 -26.89 25.65 -10.86
C LYS B 110 -28.16 26.49 -10.62
N ALA B 111 -29.28 25.84 -10.26
CA ALA B 111 -30.55 26.50 -10.06
C ALA B 111 -30.58 27.42 -8.88
N SER B 112 -30.08 26.99 -7.69
CA SER B 112 -30.10 27.83 -6.50
C SER B 112 -28.91 28.77 -6.36
N GLN B 113 -27.79 28.45 -7.07
CA GLN B 113 -26.47 29.15 -7.00
C GLN B 113 -25.79 28.99 -5.61
N LYS B 114 -26.29 28.01 -4.79
CA LYS B 114 -25.82 27.74 -3.44
C LYS B 114 -24.59 26.85 -3.51
N VAL B 115 -23.63 27.16 -2.64
CA VAL B 115 -22.32 26.52 -2.57
C VAL B 115 -22.32 25.41 -1.51
N TYR B 116 -21.79 24.25 -1.92
CA TYR B 116 -21.69 23.03 -1.13
C TYR B 116 -20.38 22.31 -1.42
N ALA B 117 -20.05 21.36 -0.53
CA ALA B 117 -18.95 20.44 -0.64
C ALA B 117 -19.59 19.09 -1.05
N MET B 118 -19.07 18.46 -2.11
CA MET B 118 -19.62 17.19 -2.58
C MET B 118 -18.59 16.06 -2.52
N LYS B 119 -18.93 14.99 -1.82
CA LYS B 119 -18.06 13.83 -1.73
C LYS B 119 -18.55 12.85 -2.80
N LEU B 120 -17.62 12.41 -3.66
CA LEU B 120 -17.89 11.41 -4.70
C LEU B 120 -17.21 10.08 -4.31
N LEU B 121 -17.87 8.95 -4.61
CA LEU B 121 -17.33 7.61 -4.34
C LEU B 121 -17.52 6.72 -5.58
N SER B 122 -16.41 6.27 -6.20
CA SER B 122 -16.43 5.44 -7.41
C SER B 122 -16.92 4.03 -7.12
N LYS B 123 -18.01 3.64 -7.83
CA LYS B 123 -18.59 2.32 -7.67
C LYS B 123 -17.62 1.24 -8.16
N PHE B 124 -16.97 1.46 -9.32
CA PHE B 124 -15.97 0.59 -9.92
C PHE B 124 -14.84 0.27 -8.89
N GLU B 125 -14.30 1.31 -8.22
CA GLU B 125 -13.23 1.19 -7.21
C GLU B 125 -13.69 0.50 -5.93
N MET B 126 -14.95 0.68 -5.54
CA MET B 126 -15.48 0.05 -4.33
C MET B 126 -15.75 -1.44 -4.61
N ILE B 127 -16.00 -1.77 -5.90
CA ILE B 127 -16.26 -3.11 -6.40
C ILE B 127 -14.92 -3.82 -6.52
N LYS B 128 -13.96 -3.21 -7.29
CA LYS B 128 -12.59 -3.69 -7.53
C LYS B 128 -11.91 -4.03 -6.21
N ARG B 129 -11.81 -3.06 -5.28
CA ARG B 129 -11.21 -3.25 -3.95
C ARG B 129 -12.13 -3.97 -2.95
N SER B 130 -13.26 -4.54 -3.45
CA SER B 130 -14.26 -5.31 -2.69
C SER B 130 -14.78 -4.65 -1.38
N ASP B 131 -14.61 -3.31 -1.22
CA ASP B 131 -15.09 -2.60 -0.03
C ASP B 131 -16.29 -1.70 -0.30
N SER B 132 -17.39 -2.04 0.39
CA SER B 132 -18.67 -1.34 0.43
C SER B 132 -19.10 -1.32 1.90
N ALA B 133 -20.32 -0.92 2.23
CA ALA B 133 -20.87 -0.84 3.59
C ALA B 133 -20.18 0.18 4.52
N PHE B 134 -18.98 0.66 4.16
CA PHE B 134 -18.28 1.63 5.00
C PHE B 134 -19.03 2.96 5.11
N PHE B 135 -19.67 3.36 3.99
CA PHE B 135 -20.41 4.60 3.80
C PHE B 135 -21.79 4.68 4.49
N TRP B 136 -22.39 3.56 4.90
CA TRP B 136 -23.74 3.58 5.51
C TRP B 136 -23.84 4.39 6.80
N GLU B 137 -22.82 4.30 7.68
CA GLU B 137 -22.84 5.05 8.94
C GLU B 137 -22.65 6.53 8.72
N GLU B 138 -21.69 6.90 7.84
CA GLU B 138 -21.39 8.26 7.42
C GLU B 138 -22.70 8.92 7.00
N ARG B 139 -23.36 8.35 6.00
CA ARG B 139 -24.64 8.81 5.50
C ARG B 139 -25.61 9.03 6.65
N ASP B 140 -25.68 8.10 7.60
CA ASP B 140 -26.65 8.23 8.70
C ASP B 140 -26.30 9.32 9.71
N ILE B 141 -25.01 9.48 10.18
CA ILE B 141 -24.72 10.58 11.11
C ILE B 141 -24.88 11.93 10.43
N MET B 142 -24.18 12.17 9.30
CA MET B 142 -24.28 13.43 8.59
C MET B 142 -25.72 13.89 8.31
N ALA B 143 -26.57 12.98 7.83
CA ALA B 143 -27.96 13.29 7.52
C ALA B 143 -28.86 13.47 8.77
N PHE B 144 -28.64 12.67 9.83
CA PHE B 144 -29.55 12.65 10.98
C PHE B 144 -28.98 13.20 12.28
N ALA B 145 -27.66 13.10 12.51
CA ALA B 145 -26.95 13.59 13.72
C ALA B 145 -27.49 14.83 14.32
N ASN B 146 -27.94 15.79 13.50
CA ASN B 146 -28.50 17.08 13.93
C ASN B 146 -27.73 17.61 15.19
N SER B 147 -26.43 17.82 15.00
CA SER B 147 -25.47 18.20 16.03
C SER B 147 -24.57 19.28 15.48
N PRO B 148 -24.17 20.26 16.34
CA PRO B 148 -23.25 21.31 15.85
C PRO B 148 -21.83 20.81 15.53
N TRP B 149 -21.48 19.62 15.97
CA TRP B 149 -20.16 19.02 15.85
C TRP B 149 -19.95 18.09 14.65
N VAL B 150 -21.00 17.90 13.84
CA VAL B 150 -21.02 17.01 12.68
C VAL B 150 -21.42 17.81 11.46
N VAL B 151 -20.65 17.70 10.38
CA VAL B 151 -20.89 18.33 9.09
C VAL B 151 -22.25 17.78 8.61
N GLN B 152 -23.16 18.67 8.20
CA GLN B 152 -24.50 18.25 7.79
C GLN B 152 -24.60 17.83 6.31
N LEU B 153 -25.28 16.70 6.04
CA LEU B 153 -25.54 16.17 4.72
C LEU B 153 -26.94 16.66 4.31
N PHE B 154 -27.03 17.25 3.09
CA PHE B 154 -28.29 17.75 2.51
C PHE B 154 -28.86 16.74 1.52
N TYR B 155 -28.01 16.24 0.61
CA TYR B 155 -28.41 15.27 -0.38
C TYR B 155 -27.45 14.12 -0.45
N ALA B 156 -27.99 12.95 -0.79
CA ALA B 156 -27.28 11.70 -1.02
C ALA B 156 -27.93 11.10 -2.25
N PHE B 157 -27.26 11.15 -3.36
CA PHE B 157 -27.81 10.60 -4.58
C PHE B 157 -26.73 9.72 -5.26
N GLN B 158 -27.02 9.15 -6.44
CA GLN B 158 -26.13 8.24 -7.17
C GLN B 158 -26.47 8.14 -8.67
N ASP B 159 -25.52 7.61 -9.41
CA ASP B 159 -25.64 7.23 -10.81
C ASP B 159 -24.86 5.93 -11.02
N ASP B 160 -25.04 5.28 -12.16
CA ASP B 160 -24.36 4.04 -12.55
C ASP B 160 -22.87 4.00 -12.13
N ARG B 161 -22.18 5.16 -12.11
CA ARG B 161 -20.74 5.29 -11.82
C ARG B 161 -20.36 5.67 -10.38
N TYR B 162 -21.03 6.70 -9.83
CA TYR B 162 -20.68 7.24 -8.53
C TYR B 162 -21.81 7.32 -7.49
N LEU B 163 -21.41 7.55 -6.24
CA LEU B 163 -22.20 7.82 -5.04
C LEU B 163 -21.91 9.31 -4.74
N TYR B 164 -22.94 10.09 -4.39
CA TYR B 164 -22.71 11.51 -4.12
C TYR B 164 -23.26 11.97 -2.79
N MET B 165 -22.47 12.79 -2.09
CA MET B 165 -22.92 13.36 -0.85
C MET B 165 -22.74 14.86 -0.90
N VAL B 166 -23.85 15.61 -0.78
CA VAL B 166 -23.83 17.06 -0.84
C VAL B 166 -23.89 17.54 0.64
N MET B 167 -22.80 18.13 1.12
CA MET B 167 -22.72 18.63 2.48
C MET B 167 -22.57 20.15 2.57
N GLU B 168 -22.65 20.62 3.81
CA GLU B 168 -22.40 21.94 4.32
C GLU B 168 -20.89 22.20 4.05
N TYR B 169 -20.53 23.28 3.32
CA TYR B 169 -19.12 23.59 3.02
C TYR B 169 -18.40 24.27 4.24
N MET B 170 -17.15 23.84 4.53
CA MET B 170 -16.34 24.31 5.66
C MET B 170 -15.22 25.20 5.14
N PRO B 171 -15.48 26.53 5.00
CA PRO B 171 -14.46 27.43 4.42
C PRO B 171 -13.13 27.57 5.15
N GLY B 172 -13.11 27.36 6.47
CA GLY B 172 -11.91 27.47 7.29
C GLY B 172 -10.86 26.39 7.10
N GLY B 173 -11.18 25.41 6.26
CA GLY B 173 -10.30 24.29 5.95
C GLY B 173 -10.12 23.31 7.07
N ASP B 174 -9.18 22.38 6.90
CA ASP B 174 -8.89 21.38 7.90
C ASP B 174 -7.79 21.85 8.84
N LEU B 175 -7.43 21.02 9.83
CA LEU B 175 -6.40 21.34 10.82
C LEU B 175 -5.03 21.03 10.33
N VAL B 176 -4.93 20.28 9.22
CA VAL B 176 -3.65 20.03 8.56
C VAL B 176 -3.19 21.38 8.02
N ASN B 177 -4.07 22.10 7.30
CA ASN B 177 -3.74 23.41 6.73
C ASN B 177 -3.27 24.36 7.83
N LEU B 178 -4.09 24.54 8.89
CA LEU B 178 -3.78 25.36 10.07
C LEU B 178 -2.40 25.03 10.65
N MET B 179 -2.14 23.74 10.97
CA MET B 179 -0.84 23.29 11.51
C MET B 179 0.38 23.56 10.60
N SER B 180 0.17 23.59 9.28
CA SER B 180 1.25 23.87 8.34
C SER B 180 1.43 25.39 8.11
N ASN B 181 0.44 26.21 8.53
CA ASN B 181 0.49 27.66 8.38
C ASN B 181 0.71 28.37 9.70
N TYR B 182 0.57 27.66 10.82
CA TYR B 182 0.76 28.32 12.11
C TYR B 182 1.59 27.51 13.08
N ASP B 183 2.22 28.24 13.98
CA ASP B 183 2.94 27.74 15.12
C ASP B 183 1.84 27.81 16.17
N VAL B 184 1.33 26.66 16.59
CA VAL B 184 0.19 26.64 17.49
C VAL B 184 0.59 26.81 18.97
N PRO B 185 0.17 27.93 19.62
CA PRO B 185 0.44 28.09 21.07
C PRO B 185 -0.48 27.17 21.86
N GLU B 186 -0.10 26.82 23.09
CA GLU B 186 -0.93 25.98 23.97
C GLU B 186 -2.34 26.55 24.18
N LYS B 187 -2.50 27.90 24.04
CA LYS B 187 -3.78 28.59 24.15
C LYS B 187 -4.74 28.01 23.09
N TRP B 188 -4.34 28.09 21.81
CA TRP B 188 -5.08 27.55 20.69
C TRP B 188 -5.26 26.02 20.83
N ALA B 189 -4.21 25.33 21.28
CA ALA B 189 -4.26 23.89 21.44
C ALA B 189 -5.32 23.45 22.47
N LYS B 190 -5.64 24.29 23.49
CA LYS B 190 -6.70 23.95 24.47
C LYS B 190 -8.09 23.97 23.79
N PHE B 191 -8.34 24.97 22.94
CA PHE B 191 -9.57 25.18 22.19
C PHE B 191 -9.88 24.01 21.25
N TYR B 192 -8.95 23.70 20.34
CA TYR B 192 -9.08 22.62 19.36
C TYR B 192 -9.16 21.25 20.02
N THR B 193 -8.45 21.05 21.12
CA THR B 193 -8.50 19.77 21.85
C THR B 193 -9.85 19.56 22.53
N ALA B 194 -10.44 20.66 23.03
CA ALA B 194 -11.73 20.67 23.71
C ALA B 194 -12.82 20.35 22.72
N GLU B 195 -12.87 21.15 21.62
CA GLU B 195 -13.83 21.01 20.50
C GLU B 195 -13.79 19.60 19.91
N VAL B 196 -12.63 18.93 19.89
CA VAL B 196 -12.59 17.55 19.40
C VAL B 196 -13.21 16.61 20.43
N VAL B 197 -12.83 16.74 21.70
CA VAL B 197 -13.34 15.90 22.79
C VAL B 197 -14.88 15.95 22.86
N LEU B 198 -15.43 17.16 22.68
CA LEU B 198 -16.87 17.36 22.69
C LEU B 198 -17.50 16.79 21.44
N ALA B 199 -16.84 16.98 20.28
CA ALA B 199 -17.25 16.43 18.98
C ALA B 199 -17.32 14.91 19.05
N LEU B 200 -16.31 14.26 19.66
CA LEU B 200 -16.25 12.81 19.86
C LEU B 200 -17.30 12.31 20.85
N ASP B 201 -17.48 13.03 21.98
CA ASP B 201 -18.52 12.70 22.95
C ASP B 201 -19.90 12.65 22.30
N ALA B 202 -20.22 13.66 21.44
CA ALA B 202 -21.45 13.72 20.62
C ALA B 202 -21.60 12.46 19.77
N ILE B 203 -20.55 12.09 19.01
CA ILE B 203 -20.55 10.92 18.13
C ILE B 203 -20.81 9.65 18.96
N HIS B 204 -20.11 9.52 20.13
CA HIS B 204 -20.24 8.37 21.06
C HIS B 204 -21.69 8.23 21.54
N SER B 205 -22.38 9.37 21.74
CA SER B 205 -23.78 9.39 22.17
C SER B 205 -24.77 8.94 21.11
N MET B 206 -24.38 8.95 19.83
CA MET B 206 -25.22 8.47 18.72
C MET B 206 -25.06 6.95 18.63
N GLY B 207 -24.07 6.41 19.33
CA GLY B 207 -23.73 4.99 19.38
C GLY B 207 -22.64 4.62 18.39
N LEU B 208 -21.73 5.57 18.16
CA LEU B 208 -20.67 5.42 17.19
C LEU B 208 -19.28 5.61 17.74
N ILE B 209 -18.31 4.99 17.10
CA ILE B 209 -16.90 5.06 17.42
C ILE B 209 -16.22 5.53 16.14
N HIS B 210 -15.44 6.63 16.20
CA HIS B 210 -14.76 7.13 15.00
C HIS B 210 -13.72 6.15 14.42
N ARG B 211 -12.88 5.52 15.27
CA ARG B 211 -11.77 4.58 14.96
C ARG B 211 -10.54 5.28 14.39
N ASP B 212 -10.72 6.20 13.44
CA ASP B 212 -9.61 6.93 12.84
C ASP B 212 -9.96 8.38 12.60
N VAL B 213 -9.87 9.14 13.69
CA VAL B 213 -10.04 10.60 13.71
C VAL B 213 -8.63 11.17 13.61
N LYS B 214 -8.43 12.09 12.67
CA LYS B 214 -7.16 12.76 12.43
C LYS B 214 -7.41 14.20 11.97
N PRO B 215 -6.41 15.08 11.84
CA PRO B 215 -6.68 16.47 11.44
C PRO B 215 -7.29 16.71 10.05
N ASP B 216 -7.40 15.67 9.24
CA ASP B 216 -7.99 15.71 7.91
C ASP B 216 -9.50 15.65 8.09
N ASN B 217 -9.95 14.94 9.16
CA ASN B 217 -11.33 14.75 9.57
C ASN B 217 -11.85 15.99 10.27
N MET B 218 -10.94 16.81 10.85
CA MET B 218 -11.28 18.04 11.60
C MET B 218 -11.37 19.22 10.67
N LEU B 219 -12.51 19.92 10.68
CA LEU B 219 -12.81 21.03 9.76
C LEU B 219 -13.37 22.25 10.46
N LEU B 220 -13.02 23.44 9.96
CA LEU B 220 -13.49 24.69 10.56
C LEU B 220 -14.46 25.42 9.67
N ASP B 221 -15.51 25.93 10.27
CA ASP B 221 -16.53 26.68 9.58
C ASP B 221 -16.13 28.16 9.41
N LYS B 222 -17.06 28.95 8.80
CA LYS B 222 -17.06 30.40 8.53
C LYS B 222 -16.51 31.19 9.72
N HIS B 223 -16.79 30.72 10.96
CA HIS B 223 -16.44 31.38 12.22
C HIS B 223 -15.23 30.72 12.96
N GLY B 224 -14.56 29.78 12.29
CA GLY B 224 -13.41 29.08 12.86
C GLY B 224 -13.71 28.04 13.93
N HIS B 225 -14.94 27.49 13.94
CA HIS B 225 -15.33 26.44 14.89
C HIS B 225 -15.29 25.09 14.22
N LEU B 226 -15.05 24.08 15.01
CA LEU B 226 -14.85 22.73 14.55
C LEU B 226 -16.06 21.83 14.41
N LYS B 227 -16.21 21.21 13.20
CA LYS B 227 -17.18 20.15 12.92
C LYS B 227 -16.40 18.97 12.32
N LEU B 228 -16.77 17.73 12.67
CA LEU B 228 -16.12 16.53 12.13
C LEU B 228 -16.72 16.09 10.76
N ALA B 229 -15.89 15.41 9.95
CA ALA B 229 -16.25 14.84 8.66
C ALA B 229 -15.52 13.48 8.51
N ASP B 230 -15.74 12.73 7.39
CA ASP B 230 -15.20 11.39 7.11
C ASP B 230 -15.52 10.41 8.22
N PHE B 231 -16.40 9.47 7.94
CA PHE B 231 -16.83 8.48 8.92
C PHE B 231 -16.80 7.10 8.25
N GLY B 232 -15.77 6.92 7.41
CA GLY B 232 -15.47 5.69 6.68
C GLY B 232 -14.93 4.61 7.58
N THR B 233 -14.35 5.04 8.74
CA THR B 233 -13.83 4.17 9.79
C THR B 233 -14.89 4.00 10.90
N CYS B 234 -16.10 4.55 10.68
CA CYS B 234 -17.16 4.45 11.67
C CYS B 234 -18.07 3.26 11.50
N MET B 235 -18.53 2.75 12.68
CA MET B 235 -19.51 1.67 12.81
C MET B 235 -20.16 1.65 14.24
N LYS B 236 -21.33 0.99 14.36
CA LYS B 236 -22.15 0.92 15.57
C LYS B 236 -21.56 0.08 16.68
N MET B 237 -21.69 0.56 17.94
CA MET B 237 -21.16 -0.08 19.15
C MET B 237 -21.82 -1.44 19.43
N GLY B 250 -6.06 2.52 6.83
CA GLY B 250 -5.09 3.14 5.93
C GLY B 250 -3.88 3.72 6.64
N THR B 251 -3.74 5.07 6.64
CA THR B 251 -2.70 5.82 7.37
C THR B 251 -2.86 5.42 8.86
N PRO B 252 -1.83 4.82 9.49
CA PRO B 252 -2.00 4.34 10.86
C PRO B 252 -1.66 5.33 11.96
N ASP B 253 -1.00 6.43 11.60
CA ASP B 253 -0.47 7.50 12.46
C ASP B 253 -1.35 7.92 13.61
N TYR B 254 -2.69 7.92 13.39
CA TYR B 254 -3.63 8.35 14.42
C TYR B 254 -4.39 7.18 15.05
N ILE B 255 -4.33 5.99 14.46
CA ILE B 255 -4.99 4.80 15.01
C ILE B 255 -4.23 4.25 16.25
N SER B 256 -5.02 3.79 17.25
CA SER B 256 -4.57 3.25 18.54
C SER B 256 -4.16 1.76 18.44
N PRO B 257 -3.31 1.25 19.40
CA PRO B 257 -2.88 -0.17 19.35
C PRO B 257 -3.99 -1.20 19.27
N GLU B 258 -5.04 -1.03 20.06
CA GLU B 258 -6.16 -1.98 20.08
C GLU B 258 -6.92 -2.05 18.78
N VAL B 259 -7.12 -0.89 18.08
CA VAL B 259 -7.86 -0.88 16.82
C VAL B 259 -7.02 -1.65 15.79
N LEU B 260 -5.71 -1.32 15.77
CA LEU B 260 -4.67 -1.93 14.96
C LEU B 260 -4.62 -3.45 15.16
N LYS B 261 -4.65 -3.93 16.43
CA LYS B 261 -4.63 -5.36 16.80
C LYS B 261 -5.83 -6.19 16.26
N SER B 262 -6.95 -5.52 15.92
CA SER B 262 -8.17 -6.13 15.38
C SER B 262 -8.41 -5.77 13.89
N TYR B 269 -11.74 -3.35 21.50
CA TYR B 269 -11.69 -1.87 21.53
C TYR B 269 -13.07 -1.21 21.66
N GLY B 270 -13.11 -0.15 22.45
CA GLY B 270 -14.32 0.64 22.66
C GLY B 270 -14.11 2.09 22.30
N ARG B 271 -15.00 2.96 22.80
CA ARG B 271 -14.97 4.40 22.54
C ARG B 271 -13.69 5.11 22.98
N GLU B 272 -12.94 4.56 23.94
CA GLU B 272 -11.72 5.18 24.47
C GLU B 272 -10.59 5.16 23.44
N CYS B 273 -10.78 4.38 22.36
CA CYS B 273 -9.84 4.33 21.25
C CYS B 273 -9.74 5.71 20.59
N ASP B 274 -10.85 6.45 20.57
CA ASP B 274 -10.87 7.81 20.05
C ASP B 274 -10.12 8.82 20.94
N TRP B 275 -9.87 8.46 22.23
CA TRP B 275 -9.15 9.35 23.12
C TRP B 275 -7.66 9.32 22.84
N TRP B 276 -7.17 8.14 22.39
CA TRP B 276 -5.78 7.91 21.93
C TRP B 276 -5.44 8.95 20.87
N SER B 277 -6.32 9.03 19.84
CA SER B 277 -6.21 9.96 18.70
C SER B 277 -6.06 11.38 19.16
N VAL B 278 -6.69 11.75 20.28
CA VAL B 278 -6.58 13.12 20.82
C VAL B 278 -5.14 13.41 21.28
N GLY B 279 -4.52 12.40 21.94
CA GLY B 279 -3.15 12.41 22.41
C GLY B 279 -2.20 12.68 21.26
N VAL B 280 -2.41 11.94 20.16
CA VAL B 280 -1.62 12.08 18.92
C VAL B 280 -1.77 13.50 18.35
N PHE B 281 -3.02 13.96 18.21
CA PHE B 281 -3.36 15.27 17.67
C PHE B 281 -2.81 16.43 18.55
N LEU B 282 -2.81 16.26 19.90
CA LEU B 282 -2.25 17.28 20.82
C LEU B 282 -0.73 17.30 20.71
N TYR B 283 -0.12 16.09 20.53
CA TYR B 283 1.31 15.93 20.33
C TYR B 283 1.69 16.72 19.05
N GLU B 284 1.15 16.34 17.88
CA GLU B 284 1.39 17.02 16.60
C GLU B 284 1.23 18.57 16.62
N MET B 285 0.32 19.09 17.45
CA MET B 285 0.09 20.52 17.52
C MET B 285 1.20 21.27 18.27
N LEU B 286 1.60 20.71 19.41
CA LEU B 286 2.60 21.34 20.24
C LEU B 286 4.04 21.06 19.81
N VAL B 287 4.28 19.87 19.18
CA VAL B 287 5.58 19.36 18.75
C VAL B 287 5.91 19.62 17.25
N GLY B 288 4.93 19.54 16.36
CA GLY B 288 5.12 19.76 14.93
C GLY B 288 5.20 18.49 14.09
N ASP B 289 5.25 17.32 14.77
CA ASP B 289 5.33 16.01 14.12
C ASP B 289 4.58 15.02 15.00
N THR B 290 4.07 13.91 14.41
CA THR B 290 3.35 12.86 15.14
C THR B 290 4.26 12.13 16.16
N PRO B 291 3.72 11.53 17.25
CA PRO B 291 4.60 10.83 18.21
C PRO B 291 5.25 9.53 17.74
N PHE B 292 4.70 8.87 16.71
CA PHE B 292 5.20 7.57 16.23
C PHE B 292 5.46 7.53 14.71
N TYR B 293 5.99 8.63 14.17
CA TYR B 293 6.33 8.71 12.75
C TYR B 293 7.51 7.81 12.38
N ALA B 294 7.50 7.32 11.13
CA ALA B 294 8.54 6.49 10.52
C ALA B 294 8.42 6.55 9.00
N ASP B 295 9.48 6.16 8.30
CA ASP B 295 9.54 6.20 6.83
C ASP B 295 8.63 5.16 6.14
N SER B 296 7.93 4.31 6.91
CA SER B 296 7.06 3.27 6.37
C SER B 296 5.86 2.95 7.30
N LEU B 297 4.81 2.27 6.72
CA LEU B 297 3.62 1.79 7.45
C LEU B 297 4.10 0.94 8.63
N VAL B 298 4.82 -0.18 8.35
CA VAL B 298 5.39 -1.12 9.33
C VAL B 298 6.21 -0.39 10.39
N GLY B 299 6.96 0.63 9.97
CA GLY B 299 7.78 1.46 10.85
C GLY B 299 6.96 2.28 11.83
N THR B 300 5.78 2.78 11.36
CA THR B 300 4.83 3.55 12.18
C THR B 300 4.09 2.57 13.08
N TYR B 301 3.57 1.46 12.49
CA TYR B 301 2.84 0.41 13.20
C TYR B 301 3.69 -0.12 14.35
N SER B 302 4.95 -0.51 14.08
CA SER B 302 5.86 -1.07 15.09
C SER B 302 6.07 -0.14 16.25
N LYS B 303 6.20 1.17 15.97
CA LYS B 303 6.36 2.20 17.00
C LYS B 303 5.07 2.37 17.80
N ILE B 304 3.87 2.20 17.17
CA ILE B 304 2.58 2.33 17.89
C ILE B 304 2.49 1.21 18.91
N MET B 305 2.72 -0.04 18.44
CA MET B 305 2.70 -1.25 19.25
C MET B 305 3.73 -1.24 20.36
N ASP B 306 4.82 -0.49 20.15
CA ASP B 306 5.84 -0.30 21.16
C ASP B 306 5.70 1.13 21.70
N HIS B 307 4.44 1.59 21.96
CA HIS B 307 4.18 2.96 22.45
C HIS B 307 4.98 3.27 23.70
N LYS B 308 4.99 2.30 24.65
CA LYS B 308 5.70 2.31 25.95
C LYS B 308 7.14 2.83 25.87
N ASN B 309 7.91 2.46 24.81
CA ASN B 309 9.31 2.85 24.61
C ASN B 309 9.55 3.87 23.49
N SER B 310 8.71 3.85 22.42
CA SER B 310 8.81 4.75 21.26
C SER B 310 8.38 6.17 21.57
N LEU B 311 7.62 6.36 22.67
CA LEU B 311 7.13 7.68 23.06
C LEU B 311 8.28 8.56 23.61
N CYS B 312 9.00 9.19 22.68
CA CYS B 312 10.12 10.08 22.97
C CYS B 312 9.67 11.52 22.91
N PHE B 313 9.95 12.27 23.97
CA PHE B 313 9.63 13.70 24.03
C PHE B 313 10.84 14.45 23.41
N PRO B 314 10.67 15.21 22.31
CA PRO B 314 11.83 15.86 21.69
C PRO B 314 12.31 17.11 22.42
N GLU B 315 13.42 16.92 23.14
CA GLU B 315 14.25 17.81 23.97
C GLU B 315 14.04 19.32 23.77
N ASP B 316 14.12 19.77 22.50
CA ASP B 316 14.00 21.18 22.08
C ASP B 316 12.64 21.80 22.40
N ALA B 317 11.53 21.16 21.94
CA ALA B 317 10.13 21.58 22.10
C ALA B 317 9.75 21.98 23.52
N GLU B 318 9.47 23.29 23.70
CA GLU B 318 9.09 23.90 24.98
C GLU B 318 7.61 23.62 25.29
N ILE B 319 7.34 22.47 25.91
CA ILE B 319 5.99 22.04 26.28
C ILE B 319 5.84 22.06 27.79
N SER B 320 4.71 22.61 28.28
CA SER B 320 4.38 22.75 29.69
C SER B 320 4.18 21.40 30.38
N LYS B 321 4.20 21.40 31.73
CA LYS B 321 4.00 20.20 32.54
C LYS B 321 2.66 19.54 32.25
N HIS B 322 1.57 20.34 32.27
CA HIS B 322 0.19 19.90 32.03
C HIS B 322 -0.03 19.33 30.64
N ALA B 323 0.45 20.06 29.60
CA ALA B 323 0.36 19.63 28.21
C ALA B 323 0.98 18.25 28.07
N LYS B 324 2.27 18.13 28.46
CA LYS B 324 3.03 16.87 28.44
C LYS B 324 2.27 15.80 29.22
N ASN B 325 1.74 16.15 30.41
CA ASN B 325 0.97 15.24 31.23
C ASN B 325 -0.24 14.68 30.46
N LEU B 326 -1.02 15.56 29.76
CA LEU B 326 -2.21 15.16 29.00
C LEU B 326 -1.87 14.28 27.82
N ILE B 327 -0.83 14.65 27.04
CA ILE B 327 -0.40 13.85 25.89
C ILE B 327 -0.10 12.43 26.39
N CYS B 328 0.69 12.36 27.49
CA CYS B 328 1.10 11.11 28.12
C CYS B 328 -0.04 10.38 28.82
N ALA B 329 -1.13 11.09 29.17
CA ALA B 329 -2.28 10.50 29.87
C ALA B 329 -3.15 9.73 28.90
N PHE B 330 -3.17 10.19 27.63
CA PHE B 330 -3.95 9.60 26.53
C PHE B 330 -3.23 8.47 25.80
N LEU B 331 -1.90 8.67 25.55
CA LEU B 331 -1.07 7.73 24.80
C LEU B 331 -0.54 6.59 25.66
N THR B 332 -1.46 5.72 26.11
CA THR B 332 -1.18 4.55 26.97
C THR B 332 -2.12 3.40 26.59
N ASP B 333 -2.05 2.27 27.34
CA ASP B 333 -2.92 1.12 27.15
C ASP B 333 -4.33 1.54 27.59
N ARG B 334 -5.36 1.05 26.88
CA ARG B 334 -6.77 1.39 27.09
C ARG B 334 -7.24 1.30 28.55
N GLU B 335 -6.71 0.32 29.31
CA GLU B 335 -7.03 0.07 30.73
C GLU B 335 -6.71 1.25 31.66
N VAL B 336 -5.53 1.86 31.52
CA VAL B 336 -5.06 3.02 32.32
C VAL B 336 -5.14 4.37 31.59
N ARG B 337 -5.84 4.38 30.42
CA ARG B 337 -5.99 5.53 29.53
C ARG B 337 -7.05 6.56 29.97
N LEU B 338 -6.66 7.86 29.93
CA LEU B 338 -7.57 8.95 30.29
C LEU B 338 -8.82 8.94 29.43
N GLY B 339 -9.95 8.59 30.04
CA GLY B 339 -11.24 8.54 29.37
C GLY B 339 -11.96 7.22 29.51
N ARG B 340 -11.26 6.19 30.06
CA ARG B 340 -11.83 4.85 30.26
C ARG B 340 -13.02 4.89 31.24
N ASN B 341 -12.92 5.71 32.31
CA ASN B 341 -13.99 5.86 33.29
C ASN B 341 -15.15 6.69 32.71
N GLY B 342 -14.82 7.81 32.05
CA GLY B 342 -15.76 8.70 31.38
C GLY B 342 -15.13 10.00 30.88
N VAL B 343 -15.75 10.63 29.87
CA VAL B 343 -15.29 11.92 29.27
C VAL B 343 -15.03 13.01 30.35
N GLU B 344 -15.67 12.83 31.49
CA GLU B 344 -15.62 13.61 32.71
C GLU B 344 -14.17 13.90 33.11
N GLU B 345 -13.30 12.83 33.24
CA GLU B 345 -11.89 12.97 33.63
C GLU B 345 -11.03 13.78 32.64
N ILE B 346 -11.37 13.76 31.33
CA ILE B 346 -10.67 14.54 30.31
C ILE B 346 -11.00 16.03 30.57
N ARG B 347 -12.30 16.33 30.78
CA ARG B 347 -12.79 17.69 31.00
C ARG B 347 -12.16 18.36 32.21
N GLN B 348 -11.99 17.60 33.31
CA GLN B 348 -11.39 18.14 34.54
C GLN B 348 -9.83 18.27 34.49
N HIS B 349 -9.12 17.63 33.52
CA HIS B 349 -7.66 17.74 33.44
C HIS B 349 -7.16 19.18 33.52
N PRO B 350 -6.11 19.43 34.35
CA PRO B 350 -5.59 20.81 34.52
C PRO B 350 -5.12 21.54 33.26
N PHE B 351 -4.84 20.84 32.14
CA PHE B 351 -4.38 21.49 30.90
C PHE B 351 -5.45 22.43 30.35
N PHE B 352 -6.71 22.06 30.56
CA PHE B 352 -7.85 22.80 30.04
C PHE B 352 -8.15 24.13 30.76
N LYS B 353 -7.69 24.31 32.04
CA LYS B 353 -7.88 25.53 32.85
C LYS B 353 -7.61 26.81 32.00
N ASN B 354 -8.62 27.71 31.82
CA ASN B 354 -8.47 28.94 31.00
C ASN B 354 -9.49 30.06 31.29
N ASP B 355 -9.12 31.30 30.91
CA ASP B 355 -9.92 32.52 31.08
C ASP B 355 -10.53 32.96 29.73
N GLN B 356 -11.02 32.00 28.91
CA GLN B 356 -11.62 32.32 27.61
C GLN B 356 -12.95 31.61 27.38
N TRP B 357 -13.01 30.33 27.75
CA TRP B 357 -14.20 29.51 27.53
C TRP B 357 -14.38 28.50 28.65
N HIS B 358 -15.60 27.93 28.70
CA HIS B 358 -16.06 26.85 29.59
C HIS B 358 -16.48 25.68 28.71
N TRP B 359 -16.47 24.45 29.26
CA TRP B 359 -16.88 23.27 28.48
C TRP B 359 -18.30 23.38 27.95
N ASP B 360 -19.14 24.20 28.60
CA ASP B 360 -20.55 24.42 28.29
C ASP B 360 -20.78 25.53 27.25
N ASN B 361 -19.71 26.23 26.78
CA ASN B 361 -19.96 27.33 25.84
C ASN B 361 -18.89 27.59 24.77
N ILE B 362 -17.90 26.68 24.56
CA ILE B 362 -16.80 26.83 23.59
C ILE B 362 -17.30 27.31 22.22
N ARG B 363 -18.44 26.77 21.71
CA ARG B 363 -18.94 27.17 20.40
C ARG B 363 -19.61 28.57 20.39
N GLU B 364 -19.81 29.17 21.56
CA GLU B 364 -20.39 30.50 21.69
C GLU B 364 -19.25 31.53 21.85
N THR B 365 -18.01 31.04 22.09
CA THR B 365 -16.82 31.86 22.33
C THR B 365 -16.02 32.07 21.04
N ALA B 366 -15.21 33.17 20.98
CA ALA B 366 -14.38 33.51 19.83
C ALA B 366 -13.37 32.41 19.61
N ALA B 367 -13.18 32.04 18.34
CA ALA B 367 -12.26 30.97 17.91
C ALA B 367 -10.89 31.59 17.76
N PRO B 368 -9.78 30.80 17.86
CA PRO B 368 -8.44 31.37 17.69
C PRO B 368 -8.21 32.00 16.32
N VAL B 369 -8.57 31.28 15.25
CA VAL B 369 -8.39 31.68 13.85
C VAL B 369 -9.76 31.77 13.18
N VAL B 370 -10.10 32.93 12.66
CA VAL B 370 -11.37 33.12 11.96
C VAL B 370 -11.03 33.37 10.49
N PRO B 371 -11.46 32.48 9.57
CA PRO B 371 -11.06 32.67 8.16
C PRO B 371 -11.56 33.95 7.48
N GLU B 372 -10.66 34.60 6.76
CA GLU B 372 -11.00 35.76 5.95
C GLU B 372 -11.31 35.22 4.57
N LEU B 373 -12.56 35.41 4.14
CA LEU B 373 -13.04 34.88 2.87
C LEU B 373 -13.44 35.98 1.93
N SER B 374 -12.96 35.91 0.68
CA SER B 374 -13.21 36.91 -0.36
C SER B 374 -14.59 36.72 -1.01
N SER B 375 -14.96 35.45 -1.22
CA SER B 375 -16.22 35.09 -1.87
C SER B 375 -16.75 33.84 -1.25
N ASP B 376 -17.92 33.40 -1.75
CA ASP B 376 -18.60 32.18 -1.36
C ASP B 376 -17.84 30.93 -1.80
N ILE B 377 -17.00 31.03 -2.87
CA ILE B 377 -16.21 29.92 -3.44
C ILE B 377 -14.67 30.00 -3.17
N ASP B 378 -14.28 30.71 -2.12
CA ASP B 378 -12.91 30.86 -1.67
C ASP B 378 -12.45 29.54 -1.02
N SER B 379 -11.52 28.84 -1.68
CA SER B 379 -10.98 27.56 -1.20
C SER B 379 -9.52 27.68 -0.75
N SER B 380 -9.07 28.94 -0.48
CA SER B 380 -7.69 29.26 -0.07
C SER B 380 -7.19 28.51 1.16
N ASN B 381 -8.09 27.94 1.98
CA ASN B 381 -7.73 27.19 3.18
C ASN B 381 -7.63 25.68 2.87
N PHE B 382 -7.60 25.35 1.57
CA PHE B 382 -7.49 23.97 1.03
C PHE B 382 -6.35 23.90 -0.02
N ASP B 383 -5.42 22.93 0.16
CA ASP B 383 -4.32 22.74 -0.78
C ASP B 383 -4.82 22.25 -2.11
N ASP B 384 -4.19 22.69 -3.21
CA ASP B 384 -4.58 22.29 -4.57
C ASP B 384 -4.32 20.79 -4.80
N ILE B 385 -5.20 20.12 -5.59
CA ILE B 385 -5.12 18.66 -5.80
C ILE B 385 -4.75 18.31 -7.25
N GLU B 393 -11.87 4.49 -15.46
CA GLU B 393 -12.29 3.11 -15.72
C GLU B 393 -13.81 2.99 -15.75
N THR B 394 -14.35 2.29 -16.78
CA THR B 394 -15.80 2.06 -16.99
C THR B 394 -16.09 0.55 -16.82
N PHE B 395 -17.23 0.21 -16.17
CA PHE B 395 -17.68 -1.15 -15.88
C PHE B 395 -17.72 -2.13 -17.08
N PRO B 396 -17.32 -3.42 -16.90
CA PRO B 396 -17.39 -4.37 -18.03
C PRO B 396 -18.80 -4.98 -18.23
N ILE B 397 -19.26 -5.06 -19.50
CA ILE B 397 -20.56 -5.63 -19.92
C ILE B 397 -20.68 -7.12 -19.48
N PRO B 398 -21.76 -7.53 -18.78
CA PRO B 398 -21.84 -8.91 -18.28
C PRO B 398 -22.39 -9.97 -19.25
N LYS B 399 -22.13 -11.23 -18.90
CA LYS B 399 -22.56 -12.45 -19.60
C LYS B 399 -23.65 -13.10 -18.74
N ALA B 400 -23.48 -12.98 -17.41
CA ALA B 400 -24.38 -13.47 -16.37
C ALA B 400 -24.62 -12.34 -15.36
N PHE B 401 -25.60 -12.51 -14.45
CA PHE B 401 -25.92 -11.54 -13.42
C PHE B 401 -24.79 -11.37 -12.39
N VAL B 402 -24.33 -10.10 -12.23
CA VAL B 402 -23.25 -9.68 -11.32
C VAL B 402 -23.84 -9.00 -10.11
N GLY B 403 -24.61 -7.95 -10.35
CA GLY B 403 -25.29 -7.17 -9.31
C GLY B 403 -24.47 -6.02 -8.78
N ASN B 404 -23.82 -5.28 -9.67
CA ASN B 404 -22.93 -4.20 -9.29
C ASN B 404 -23.62 -2.96 -8.71
N GLN B 405 -24.91 -2.78 -8.98
CA GLN B 405 -25.70 -1.67 -8.43
C GLN B 405 -26.39 -2.08 -7.10
N LEU B 406 -26.43 -3.39 -6.79
CA LEU B 406 -27.09 -3.91 -5.60
C LEU B 406 -26.54 -3.43 -4.27
N PRO B 407 -25.21 -3.25 -4.09
CA PRO B 407 -24.74 -2.82 -2.74
C PRO B 407 -25.12 -1.40 -2.34
N PHE B 408 -25.54 -0.61 -3.33
CA PHE B 408 -25.86 0.81 -3.24
C PHE B 408 -27.37 1.14 -3.25
N ILE B 409 -28.22 0.10 -3.21
CA ILE B 409 -29.69 0.21 -3.14
C ILE B 409 -30.03 0.82 -1.77
N GLY B 410 -30.68 1.98 -1.80
CA GLY B 410 -31.09 2.70 -0.59
C GLY B 410 -30.19 3.85 -0.13
N PHE B 411 -29.18 4.21 -0.95
CA PHE B 411 -28.25 5.31 -0.67
C PHE B 411 -28.94 6.66 -0.81
N THR B 412 -29.86 6.77 -1.79
CA THR B 412 -30.56 8.03 -2.06
C THR B 412 -31.33 8.55 -0.82
N TYR B 413 -30.96 9.77 -0.41
CA TYR B 413 -31.58 10.55 0.65
C TYR B 413 -31.66 12.02 0.16
N TYR B 414 -32.82 12.69 0.42
CA TYR B 414 -33.08 14.07 0.03
C TYR B 414 -33.36 14.97 1.21
#